data_1QJQ
#
_entry.id   1QJQ
#
_cell.length_a   172.100
_cell.length_b   172.100
_cell.length_c   87.650
_cell.angle_alpha   90.00
_cell.angle_beta   90.00
_cell.angle_gamma   120.00
#
_symmetry.space_group_name_H-M   'P 61'
#
loop_
_entity.id
_entity.type
_entity.pdbx_description
1 polymer 'FERRIC HYDROXAMATE RECEPTOR'
2 branched 'alpha-D-glucopyranose-(1-2)-alpha-D-glucopyranose-(1-3)-[alpha-D-galactopyranose-(1-6)]alpha-D-glucopyranose-(1-3)-[L-glycero-alpha-D-manno-heptopyranose-(1-7)]L-glycero-alpha-D-manno-heptopyranose-(1-3)-L-glycero-alpha-D-manno-heptopyranose-(1-5)-[3-deoxy-alpha-D-manno-oct-2-ulopyranosonic acid-(2-4)]3-deoxy-alpha-D-manno-oct-2-ulopyranosonic acid-(2-6)-2-amino-2,3-dideoxy-alpha-D-glucoyranose-(1-6)-2-amino-2,3-dideoxy-alpha-D-glucoyranose'
3 non-polymer '3-HYDROXY-TETRADECANOIC ACID'
4 non-polymer DIPHOSPHATE
5 non-polymer 'PHOSPHATE ION'
6 non-polymer 'NICKEL (II) ION'
7 non-polymer PHENYLFERRICROCIN-IRON
8 water water
#
_entity_poly.entity_id   1
_entity_poly.type   'polypeptide(L)'
_entity_poly.pdbx_seq_one_letter_code
;AVEPKEDTITVTAAPAPQESAWGPAATIAARQSATGTKTDTPIQKVPQSISVVTAEEMALHQPKSVKEALSYTPGVSVGT
RGASNTYDHLIIRGFAAEGQSQNNYLNGLKLQGNFYNDAVIDPYMLERAEIMRGPVSVLYGKSSPGGLLNMVSKRPTTEP
LKEVQFKAGTDSLFQTGFDFSDSLDDDGVYSYRLTGLARSANAQQKGSEEQRYAIAPAFTWRPDDKTNFTFLSYFQNEPE
TGYYGWLPKEGTVEPLPNGKRLPTDFNEGAKNNTYSRNEKMVGYSFDHEFNDTFTVRQNLRFAENKTSQNSVYGYGVCSD
PANAYSKQCAALAPADKGHYLARKYVVDDEKLQNFSVDTQLQSKFATGDIDHTLLTGVDFMRMRNDINAWFGYDDSVPLL
NLYNPSSHHHHHHGSSVNTDFDFNAKDPANSGPYRILNKQKQTGVYVQDQAQWDKVLVTLGGRYDWADQESLNRVAGTTD
KRDDKQFTWRGGVNYLFDNGVTPYFSYSESFEPSSQVGKDGNIFAPSKGKQYEVGVKYVPEDRPIVVTGAVYNLTKTNNL
MADPEGSFFSVEGGEIRARGVEIEAKAALSASVNVVGSYTYTDAEYTTDTTYKGNTPAQVPKHMASLWADYTFFDGPLSG
LTLGTGGRYTGSSYGDPANSFKVGSYTVVDALVRYDLARVGMAGSNVALHVNNLFDREYVASCFNTYGCFWGAERQVVAT
ATFRF
;
_entity_poly.pdbx_strand_id   A
#
# COMPACT_ATOMS: atom_id res chain seq x y z
N GLU A 19 -2.15 20.20 -16.74
CA GLU A 19 -2.01 18.96 -15.91
C GLU A 19 -3.26 18.08 -15.99
N SER A 20 -3.05 16.81 -16.33
CA SER A 20 -4.15 15.85 -16.43
C SER A 20 -4.05 14.82 -15.32
N ALA A 21 -5.16 14.56 -14.65
CA ALA A 21 -5.20 13.60 -13.56
C ALA A 21 -4.42 12.33 -13.91
N TRP A 22 -4.36 12.01 -15.20
CA TRP A 22 -3.65 10.82 -15.69
C TRP A 22 -2.25 11.10 -16.25
N GLY A 23 -1.66 12.23 -15.86
CA GLY A 23 -0.33 12.55 -16.36
C GLY A 23 0.55 13.23 -15.32
N PRO A 24 1.71 13.77 -15.74
CA PRO A 24 2.67 14.45 -14.87
C PRO A 24 2.03 15.64 -14.16
N ALA A 25 2.75 16.26 -13.23
CA ALA A 25 2.21 17.39 -12.49
C ALA A 25 3.06 18.66 -12.57
N ALA A 26 4.26 18.52 -13.11
CA ALA A 26 5.19 19.65 -13.26
C ALA A 26 5.81 20.05 -11.93
N THR A 27 5.00 20.05 -10.89
CA THR A 27 5.49 20.42 -9.57
C THR A 27 5.14 19.30 -8.61
N ILE A 28 5.82 19.29 -7.46
CA ILE A 28 5.60 18.30 -6.41
C ILE A 28 4.12 18.32 -6.02
N ALA A 29 3.46 19.43 -6.35
CA ALA A 29 2.05 19.59 -6.05
C ALA A 29 1.20 19.32 -7.30
N ALA A 30 0.29 18.36 -7.17
CA ALA A 30 -0.60 17.99 -8.26
C ALA A 30 -1.93 18.66 -8.02
N ARG A 31 -2.39 19.41 -9.02
CA ARG A 31 -3.64 20.12 -8.91
C ARG A 31 -4.79 19.24 -9.36
N GLN A 32 -4.51 18.37 -10.32
CA GLN A 32 -5.52 17.50 -10.87
C GLN A 32 -5.41 16.05 -10.42
N SER A 33 -6.56 15.41 -10.25
CA SER A 33 -6.66 14.02 -9.83
C SER A 33 -8.00 13.49 -10.26
N ALA A 34 -8.09 12.20 -10.51
CA ALA A 34 -9.36 11.64 -10.92
C ALA A 34 -9.74 10.40 -10.13
N THR A 35 -8.94 10.04 -9.14
CA THR A 35 -9.26 8.84 -8.39
C THR A 35 -10.36 9.10 -7.36
N GLY A 36 -10.67 10.38 -7.15
CA GLY A 36 -11.70 10.71 -6.17
C GLY A 36 -13.10 10.88 -6.72
N THR A 37 -13.21 11.19 -8.00
CA THR A 37 -14.51 11.41 -8.63
C THR A 37 -14.61 10.74 -10.01
N LYS A 38 -13.57 10.00 -10.36
CA LYS A 38 -13.49 9.30 -11.63
C LYS A 38 -13.61 10.20 -12.86
N THR A 39 -13.42 11.50 -12.65
CA THR A 39 -13.46 12.49 -13.72
C THR A 39 -12.33 13.44 -13.43
N ASP A 40 -11.68 13.96 -14.46
CA ASP A 40 -10.57 14.86 -14.23
C ASP A 40 -11.09 16.11 -13.52
N THR A 41 -10.85 16.16 -12.21
CA THR A 41 -11.30 17.29 -11.39
C THR A 41 -10.14 17.90 -10.61
N PRO A 42 -10.20 19.22 -10.35
CA PRO A 42 -9.07 19.80 -9.60
C PRO A 42 -9.28 19.47 -8.13
N ILE A 43 -8.20 19.06 -7.46
CA ILE A 43 -8.25 18.68 -6.06
C ILE A 43 -9.17 19.49 -5.17
N GLN A 44 -9.05 20.81 -5.21
CA GLN A 44 -9.89 21.66 -4.38
C GLN A 44 -11.37 21.38 -4.56
N LYS A 45 -11.75 20.92 -5.74
CA LYS A 45 -13.15 20.63 -6.00
C LYS A 45 -13.57 19.23 -5.56
N VAL A 46 -12.63 18.45 -5.03
CA VAL A 46 -12.98 17.11 -4.59
C VAL A 46 -13.36 17.08 -3.11
N PRO A 47 -14.59 16.65 -2.83
CA PRO A 47 -15.19 16.53 -1.50
C PRO A 47 -14.57 15.47 -0.60
N GLN A 48 -13.36 15.04 -0.92
CA GLN A 48 -12.73 14.02 -0.10
C GLN A 48 -11.22 14.18 0.01
N SER A 49 -10.67 13.69 1.12
CA SER A 49 -9.23 13.78 1.34
C SER A 49 -8.49 12.94 0.30
N ILE A 50 -7.78 13.61 -0.59
CA ILE A 50 -7.01 12.93 -1.62
C ILE A 50 -5.59 13.44 -1.62
N SER A 51 -4.64 12.51 -1.61
CA SER A 51 -3.23 12.87 -1.63
C SER A 51 -2.68 12.39 -2.94
N VAL A 52 -1.63 13.04 -3.41
CA VAL A 52 -1.00 12.64 -4.65
C VAL A 52 0.51 12.78 -4.55
N VAL A 53 1.19 11.65 -4.76
CA VAL A 53 2.64 11.59 -4.75
C VAL A 53 3.04 11.45 -6.20
N THR A 54 3.61 12.52 -6.73
CA THR A 54 4.04 12.56 -8.12
C THR A 54 5.31 11.77 -8.38
N ALA A 55 5.59 11.59 -9.66
CA ALA A 55 6.79 10.89 -10.08
C ALA A 55 7.97 11.66 -9.54
N GLU A 56 7.88 13.00 -9.60
CA GLU A 56 8.94 13.87 -9.11
C GLU A 56 9.29 13.49 -7.68
N GLU A 57 8.31 13.57 -6.78
CA GLU A 57 8.58 13.26 -5.38
C GLU A 57 9.22 11.89 -5.21
N MET A 58 8.71 10.91 -5.95
CA MET A 58 9.25 9.55 -5.85
C MET A 58 10.68 9.50 -6.34
N ALA A 59 10.94 10.16 -7.46
CA ALA A 59 12.29 10.20 -8.03
C ALA A 59 13.16 11.06 -7.11
N LEU A 60 12.62 11.40 -5.95
CA LEU A 60 13.34 12.22 -4.99
C LEU A 60 13.95 11.35 -3.89
N HIS A 61 13.20 10.36 -3.43
CA HIS A 61 13.69 9.48 -2.37
C HIS A 61 14.09 8.10 -2.87
N GLN A 62 13.76 7.80 -4.13
CA GLN A 62 14.08 6.50 -4.71
C GLN A 62 13.49 5.39 -3.86
N PRO A 63 12.18 5.44 -3.59
CA PRO A 63 11.56 4.40 -2.78
C PRO A 63 11.75 3.01 -3.36
N LYS A 64 11.66 2.02 -2.48
CA LYS A 64 11.83 0.63 -2.87
C LYS A 64 10.48 0.12 -3.31
N SER A 65 9.44 0.71 -2.74
CA SER A 65 8.08 0.31 -3.04
C SER A 65 7.11 1.47 -2.88
N VAL A 66 5.96 1.34 -3.53
CA VAL A 66 4.93 2.35 -3.43
C VAL A 66 4.64 2.57 -1.96
N LYS A 67 4.97 1.57 -1.15
CA LYS A 67 4.77 1.68 0.28
C LYS A 67 5.61 2.88 0.69
N GLU A 68 6.94 2.73 0.67
CA GLU A 68 7.82 3.83 1.05
C GLU A 68 7.46 5.17 0.40
N ALA A 69 7.03 5.15 -0.86
CA ALA A 69 6.68 6.38 -1.53
C ALA A 69 5.59 7.14 -0.79
N LEU A 70 5.05 6.52 0.25
CA LEU A 70 3.97 7.12 1.02
C LEU A 70 4.35 7.53 2.43
N SER A 71 5.65 7.51 2.72
CA SER A 71 6.12 7.86 4.05
C SER A 71 5.73 9.25 4.52
N TYR A 72 5.48 10.17 3.59
CA TYR A 72 5.11 11.52 3.97
C TYR A 72 3.63 11.82 3.91
N THR A 73 2.84 10.93 3.36
CA THR A 73 1.42 11.21 3.32
C THR A 73 0.72 10.95 4.64
N PRO A 74 -0.17 11.86 5.02
CA PRO A 74 -0.93 11.77 6.26
C PRO A 74 -2.06 10.76 6.19
N GLY A 75 -2.24 10.01 7.28
CA GLY A 75 -3.31 9.04 7.34
C GLY A 75 -2.95 7.68 6.82
N VAL A 76 -1.65 7.41 6.71
CA VAL A 76 -1.20 6.12 6.21
C VAL A 76 0.05 5.67 6.96
N SER A 77 -0.05 4.53 7.65
CA SER A 77 1.14 4.04 8.35
C SER A 77 1.73 3.16 7.28
N VAL A 78 3.03 2.91 7.34
CA VAL A 78 3.69 2.09 6.34
C VAL A 78 4.65 1.13 7.00
N GLY A 79 4.45 0.93 8.30
CA GLY A 79 5.33 0.05 9.04
C GLY A 79 4.62 -1.21 9.46
N THR A 80 3.46 -1.46 8.88
CA THR A 80 2.73 -2.65 9.22
C THR A 80 3.63 -3.89 9.20
N ARG A 81 4.70 -3.84 8.40
CA ARG A 81 5.58 -5.01 8.33
C ARG A 81 7.08 -4.72 8.46
N GLY A 82 7.39 -3.55 8.97
CA GLY A 82 8.78 -3.20 9.17
C GLY A 82 9.62 -3.13 7.92
N ALA A 83 10.87 -3.55 8.05
CA ALA A 83 11.82 -3.53 6.95
C ALA A 83 11.36 -4.29 5.71
N SER A 84 10.46 -5.26 5.89
CA SER A 84 9.94 -6.08 4.80
C SER A 84 9.14 -5.31 3.75
N ASN A 85 9.25 -5.74 2.49
CA ASN A 85 8.52 -5.10 1.37
C ASN A 85 7.68 -6.06 0.52
N THR A 86 7.64 -7.33 0.90
CA THR A 86 6.86 -8.33 0.18
C THR A 86 5.51 -7.83 -0.33
N TYR A 87 4.84 -7.01 0.46
CA TYR A 87 3.52 -6.51 0.09
C TYR A 87 3.35 -5.04 0.39
N ASP A 88 2.67 -4.32 -0.50
CA ASP A 88 2.41 -2.92 -0.30
C ASP A 88 1.11 -2.91 0.47
N HIS A 89 1.19 -3.36 1.70
CA HIS A 89 0.05 -3.44 2.59
C HIS A 89 0.05 -2.20 3.47
N LEU A 90 -1.04 -1.45 3.45
CA LEU A 90 -1.12 -0.22 4.24
C LEU A 90 -2.28 -0.19 5.21
N ILE A 91 -2.11 0.57 6.29
CA ILE A 91 -3.19 0.75 7.25
C ILE A 91 -3.52 2.23 7.07
N ILE A 92 -4.74 2.49 6.59
CA ILE A 92 -5.19 3.85 6.32
C ILE A 92 -6.29 4.31 7.26
N ARG A 93 -6.04 5.41 7.97
CA ARG A 93 -7.05 5.90 8.88
C ARG A 93 -7.42 4.77 9.86
N GLY A 94 -6.41 4.06 10.36
CA GLY A 94 -6.65 2.97 11.30
C GLY A 94 -7.34 1.71 10.77
N PHE A 95 -7.50 1.60 9.46
CA PHE A 95 -8.17 0.42 8.90
C PHE A 95 -7.42 -0.20 7.73
N ALA A 96 -7.67 -1.49 7.52
CA ALA A 96 -7.05 -2.23 6.44
C ALA A 96 -7.99 -3.36 6.01
N ALA A 97 -7.70 -3.97 4.87
CA ALA A 97 -8.54 -5.07 4.38
C ALA A 97 -8.49 -6.25 5.34
N GLU A 98 -9.52 -7.09 5.30
CA GLU A 98 -9.56 -8.24 6.19
C GLU A 98 -8.57 -9.29 5.71
N GLY A 99 -7.97 -10.00 6.66
CA GLY A 99 -7.02 -11.04 6.32
C GLY A 99 -5.67 -10.61 5.79
N GLN A 100 -5.14 -9.49 6.29
CA GLN A 100 -3.85 -9.00 5.83
C GLN A 100 -3.79 -8.82 4.33
N SER A 101 -4.94 -8.69 3.69
CA SER A 101 -4.93 -8.51 2.25
C SER A 101 -4.67 -7.04 1.92
N GLN A 102 -4.32 -6.76 0.68
CA GLN A 102 -4.09 -5.38 0.27
C GLN A 102 -5.41 -4.78 -0.19
N ASN A 103 -5.35 -3.53 -0.62
CA ASN A 103 -6.51 -2.81 -1.13
C ASN A 103 -5.91 -1.77 -2.05
N ASN A 104 -5.24 -2.26 -3.09
CA ASN A 104 -4.56 -1.42 -4.05
C ASN A 104 -5.12 -1.47 -5.47
N TYR A 105 -5.31 -0.29 -6.05
CA TYR A 105 -5.82 -0.14 -7.40
C TYR A 105 -4.73 0.34 -8.36
N LEU A 106 -4.83 -0.11 -9.60
CA LEU A 106 -3.90 0.27 -10.67
C LEU A 106 -4.68 0.75 -11.88
N ASN A 107 -4.66 2.06 -12.11
CA ASN A 107 -5.35 2.68 -13.23
C ASN A 107 -6.86 2.60 -13.09
N GLY A 108 -7.38 2.84 -11.89
CA GLY A 108 -8.81 2.82 -11.70
C GLY A 108 -9.39 1.42 -11.67
N LEU A 109 -8.52 0.42 -11.69
CA LEU A 109 -8.97 -0.97 -11.64
C LEU A 109 -8.32 -1.57 -10.42
N LYS A 110 -8.98 -2.53 -9.79
CA LYS A 110 -8.38 -3.10 -8.61
C LYS A 110 -7.52 -4.30 -8.91
N LEU A 111 -6.48 -4.46 -8.12
CA LEU A 111 -5.57 -5.59 -8.24
C LEU A 111 -6.03 -6.58 -7.19
N GLN A 112 -7.21 -7.14 -7.39
CA GLN A 112 -7.79 -8.10 -6.46
C GLN A 112 -6.90 -9.29 -6.15
N GLY A 113 -6.35 -9.31 -4.94
CA GLY A 113 -5.49 -10.41 -4.55
C GLY A 113 -6.23 -11.39 -3.65
N ASN A 114 -5.50 -12.33 -3.10
CA ASN A 114 -6.12 -13.31 -2.24
C ASN A 114 -5.04 -14.06 -1.51
N PHE A 115 -5.27 -14.30 -0.22
CA PHE A 115 -4.31 -15.03 0.59
C PHE A 115 -2.95 -14.42 0.35
N TYR A 116 -1.94 -15.25 0.08
CA TYR A 116 -0.59 -14.74 -0.16
C TYR A 116 -0.41 -14.20 -1.56
N ASN A 117 -1.42 -14.36 -2.40
CA ASN A 117 -1.29 -13.88 -3.76
C ASN A 117 -1.77 -12.45 -3.90
N ASP A 118 -0.83 -11.52 -3.70
CA ASP A 118 -1.14 -10.11 -3.83
C ASP A 118 -0.04 -9.52 -4.70
N ALA A 119 -0.44 -8.67 -5.64
CA ALA A 119 0.51 -8.05 -6.56
C ALA A 119 1.01 -6.67 -6.14
N VAL A 120 2.18 -6.33 -6.66
CA VAL A 120 2.78 -5.03 -6.39
C VAL A 120 3.28 -4.47 -7.71
N ILE A 121 3.34 -3.16 -7.79
CA ILE A 121 3.83 -2.54 -8.99
C ILE A 121 5.03 -1.76 -8.55
N ASP A 122 6.09 -1.79 -9.33
CA ASP A 122 7.25 -1.03 -8.91
C ASP A 122 6.97 0.44 -9.16
N PRO A 123 7.27 1.30 -8.18
CA PRO A 123 7.04 2.74 -8.34
C PRO A 123 7.69 3.32 -9.59
N TYR A 124 8.83 2.77 -9.97
CA TYR A 124 9.53 3.24 -11.16
C TYR A 124 8.65 3.14 -12.40
N MET A 125 7.55 2.40 -12.32
CA MET A 125 6.67 2.26 -13.46
C MET A 125 5.43 3.13 -13.28
N LEU A 126 5.42 3.94 -12.23
CA LEU A 126 4.26 4.78 -11.99
C LEU A 126 4.48 6.25 -12.34
N GLU A 127 3.40 6.91 -12.77
CA GLU A 127 3.44 8.33 -13.12
C GLU A 127 3.14 9.05 -11.81
N ARG A 128 2.35 8.40 -10.98
CA ARG A 128 1.96 8.95 -9.70
C ARG A 128 1.21 7.89 -8.90
N ALA A 129 1.28 8.02 -7.58
CA ALA A 129 0.62 7.10 -6.67
C ALA A 129 -0.33 7.95 -5.86
N GLU A 130 -1.62 7.66 -5.95
CA GLU A 130 -2.60 8.44 -5.22
C GLU A 130 -3.19 7.64 -4.06
N ILE A 131 -3.67 8.34 -3.03
CA ILE A 131 -4.30 7.70 -1.87
C ILE A 131 -5.63 8.38 -1.60
N MET A 132 -6.69 7.59 -1.53
CA MET A 132 -8.01 8.17 -1.23
C MET A 132 -8.40 7.68 0.16
N ARG A 133 -8.63 8.63 1.05
CA ARG A 133 -8.99 8.35 2.44
C ARG A 133 -10.49 8.28 2.71
N GLY A 134 -10.92 7.30 3.51
CA GLY A 134 -12.33 7.19 3.81
C GLY A 134 -13.06 6.26 2.85
N PRO A 135 -14.38 6.13 3.02
CA PRO A 135 -15.16 5.25 2.13
C PRO A 135 -14.94 5.60 0.67
N VAL A 136 -14.85 4.58 -0.18
CA VAL A 136 -14.62 4.82 -1.60
C VAL A 136 -15.47 3.89 -2.45
N SER A 137 -16.42 3.20 -1.82
CA SER A 137 -17.26 2.29 -2.58
C SER A 137 -18.11 3.01 -3.62
N VAL A 138 -18.46 4.26 -3.35
CA VAL A 138 -19.30 5.04 -4.26
C VAL A 138 -18.76 5.09 -5.68
N LEU A 139 -17.53 4.61 -5.87
CA LEU A 139 -16.94 4.61 -7.19
C LEU A 139 -16.10 3.36 -7.45
N TYR A 140 -15.78 2.61 -6.39
CA TYR A 140 -14.96 1.42 -6.57
C TYR A 140 -15.48 0.08 -6.07
N GLY A 141 -16.67 0.05 -5.49
CA GLY A 141 -17.20 -1.21 -5.01
C GLY A 141 -16.71 -1.63 -3.64
N LYS A 142 -16.74 -2.93 -3.38
CA LYS A 142 -16.31 -3.45 -2.08
C LYS A 142 -14.92 -2.99 -1.70
N SER A 143 -14.77 -2.44 -0.50
CA SER A 143 -13.46 -1.99 -0.04
C SER A 143 -13.39 -1.69 1.45
N SER A 144 -12.22 -1.97 2.02
CA SER A 144 -11.93 -1.70 3.44
C SER A 144 -12.29 -0.26 3.71
N PRO A 145 -13.05 0.00 4.78
CA PRO A 145 -13.42 1.39 5.08
C PRO A 145 -12.23 2.32 5.11
N GLY A 146 -12.48 3.58 4.83
CA GLY A 146 -11.42 4.56 4.84
C GLY A 146 -10.08 4.05 4.33
N GLY A 147 -9.95 3.88 3.03
CA GLY A 147 -8.69 3.41 2.49
C GLY A 147 -8.67 2.88 1.07
N LEU A 148 -7.74 3.41 0.29
CA LEU A 148 -7.60 3.00 -1.10
C LEU A 148 -6.37 3.64 -1.71
N LEU A 149 -5.58 2.83 -2.39
CA LEU A 149 -4.39 3.32 -3.07
C LEU A 149 -4.63 3.12 -4.55
N ASN A 150 -4.44 4.17 -5.36
CA ASN A 150 -4.61 4.05 -6.80
C ASN A 150 -3.32 4.49 -7.51
N MET A 151 -2.66 3.56 -8.18
CA MET A 151 -1.42 3.84 -8.89
C MET A 151 -1.72 4.12 -10.35
N VAL A 152 -0.89 4.96 -10.98
CA VAL A 152 -1.08 5.29 -12.38
C VAL A 152 0.12 4.91 -13.22
N SER A 153 -0.10 3.98 -14.15
CA SER A 153 0.94 3.52 -15.04
C SER A 153 1.50 4.71 -15.80
N LYS A 154 2.80 4.66 -16.10
CA LYS A 154 3.41 5.72 -16.89
C LYS A 154 2.87 5.51 -18.29
N ARG A 155 2.47 6.59 -18.95
CA ARG A 155 1.94 6.52 -20.30
C ARG A 155 2.97 7.03 -21.27
N PRO A 156 2.69 6.90 -22.59
CA PRO A 156 3.64 7.39 -23.59
C PRO A 156 3.69 8.88 -23.43
N THR A 157 4.89 9.44 -23.54
CA THR A 157 5.10 10.87 -23.35
C THR A 157 4.88 11.74 -24.58
N THR A 158 4.64 13.03 -24.33
CA THR A 158 4.40 14.00 -25.38
C THR A 158 5.67 14.26 -26.18
N GLU A 159 6.82 14.11 -25.52
CA GLU A 159 8.10 14.33 -26.17
C GLU A 159 8.97 13.12 -25.97
N PRO A 160 10.03 12.98 -26.78
CA PRO A 160 10.91 11.83 -26.66
C PRO A 160 11.48 11.70 -25.26
N LEU A 161 11.71 10.45 -24.84
CA LEU A 161 12.28 10.16 -23.53
C LEU A 161 13.12 8.92 -23.65
N LYS A 162 14.41 9.08 -23.42
CA LYS A 162 15.35 7.97 -23.45
C LYS A 162 16.07 8.02 -22.13
N GLU A 163 15.54 7.31 -21.15
CA GLU A 163 16.09 7.32 -19.80
C GLU A 163 16.71 5.98 -19.40
N VAL A 164 17.88 6.05 -18.77
CA VAL A 164 18.56 4.85 -18.29
C VAL A 164 19.00 5.17 -16.88
N GLN A 165 18.71 4.28 -15.94
CA GLN A 165 19.06 4.51 -14.55
C GLN A 165 19.81 3.39 -13.89
N PHE A 166 20.72 3.77 -12.99
CA PHE A 166 21.56 2.82 -12.25
C PHE A 166 21.55 3.09 -10.77
N LYS A 167 21.24 2.05 -10.00
CA LYS A 167 21.20 2.14 -8.55
C LYS A 167 22.24 1.22 -7.97
N ALA A 168 22.76 1.61 -6.82
CA ALA A 168 23.75 0.82 -6.09
C ALA A 168 23.65 1.30 -4.65
N GLY A 169 23.42 0.38 -3.72
CA GLY A 169 23.29 0.78 -2.34
C GLY A 169 23.69 -0.24 -1.30
N THR A 170 23.30 0.04 -0.06
CA THR A 170 23.59 -0.82 1.07
C THR A 170 22.99 -2.20 0.92
N ASP A 171 23.59 -3.17 1.59
CA ASP A 171 23.11 -4.55 1.56
C ASP A 171 23.12 -5.16 0.17
N SER A 172 24.13 -4.82 -0.63
CA SER A 172 24.28 -5.35 -1.98
C SER A 172 23.18 -4.97 -2.96
N LEU A 173 22.60 -3.78 -2.78
CA LEU A 173 21.54 -3.34 -3.65
C LEU A 173 22.05 -2.87 -5.03
N PHE A 174 21.58 -3.52 -6.07
CA PHE A 174 21.95 -3.16 -7.44
C PHE A 174 20.70 -3.16 -8.29
N GLN A 175 20.45 -2.03 -8.95
CA GLN A 175 19.27 -1.92 -9.81
C GLN A 175 19.59 -1.16 -11.08
N THR A 176 19.24 -1.76 -12.21
CA THR A 176 19.47 -1.15 -13.51
C THR A 176 18.14 -1.10 -14.27
N GLY A 177 17.70 0.11 -14.64
CA GLY A 177 16.43 0.25 -15.35
C GLY A 177 16.38 1.30 -16.45
N PHE A 178 15.43 1.14 -17.35
CA PHE A 178 15.24 2.09 -18.45
C PHE A 178 13.79 2.55 -18.54
N ASP A 179 13.56 3.61 -19.32
CA ASP A 179 12.22 4.19 -19.50
C ASP A 179 12.22 4.98 -20.81
N PHE A 180 11.92 4.32 -21.92
CA PHE A 180 11.91 4.99 -23.22
C PHE A 180 10.52 5.22 -23.77
N SER A 181 10.26 6.44 -24.21
CA SER A 181 8.96 6.78 -24.79
C SER A 181 9.17 7.63 -26.02
N ASP A 182 8.50 7.28 -27.11
CA ASP A 182 8.62 8.02 -28.36
C ASP A 182 7.39 7.86 -29.26
N SER A 183 7.39 8.57 -30.37
CA SER A 183 6.30 8.54 -31.34
C SER A 183 6.76 7.80 -32.59
N LEU A 184 5.87 7.00 -33.17
CA LEU A 184 6.20 6.26 -34.37
C LEU A 184 6.02 7.15 -35.61
N ASP A 185 5.19 8.16 -35.49
CA ASP A 185 4.93 9.08 -36.60
C ASP A 185 5.09 10.53 -36.16
N ASP A 186 5.20 11.43 -37.13
CA ASP A 186 5.38 12.83 -36.83
C ASP A 186 4.10 13.55 -36.44
N ASP A 187 3.00 12.80 -36.38
CA ASP A 187 1.73 13.41 -35.99
C ASP A 187 1.29 12.91 -34.63
N GLY A 188 2.07 11.99 -34.08
CA GLY A 188 1.76 11.45 -32.77
C GLY A 188 0.53 10.58 -32.71
N VAL A 189 0.14 9.99 -33.83
CA VAL A 189 -1.03 9.12 -33.82
C VAL A 189 -0.59 7.82 -33.17
N TYR A 190 0.71 7.54 -33.25
CA TYR A 190 1.29 6.32 -32.69
C TYR A 190 2.47 6.65 -31.78
N SER A 191 2.38 6.25 -30.52
CA SER A 191 3.45 6.48 -29.57
C SER A 191 3.50 5.36 -28.53
N TYR A 192 4.68 5.15 -27.95
CA TYR A 192 4.87 4.12 -26.95
C TYR A 192 5.57 4.56 -25.66
N ARG A 193 5.91 3.55 -24.87
CA ARG A 193 6.65 3.73 -23.62
C ARG A 193 6.98 2.35 -23.12
N LEU A 194 8.27 2.08 -22.96
CA LEU A 194 8.73 0.80 -22.45
C LEU A 194 9.53 1.11 -21.22
N THR A 195 9.10 0.56 -20.09
CA THR A 195 9.77 0.77 -18.82
C THR A 195 10.10 -0.58 -18.19
N GLY A 196 11.35 -0.74 -17.75
CA GLY A 196 11.75 -1.99 -17.14
C GLY A 196 12.89 -1.81 -16.15
N LEU A 197 13.08 -2.81 -15.29
CA LEU A 197 14.15 -2.74 -14.31
C LEU A 197 14.58 -4.10 -13.83
N ALA A 198 15.84 -4.17 -13.41
CA ALA A 198 16.44 -5.38 -12.89
C ALA A 198 17.04 -4.95 -11.55
N ARG A 199 16.48 -5.48 -10.47
CA ARG A 199 16.94 -5.10 -9.14
C ARG A 199 17.26 -6.27 -8.25
N SER A 200 18.45 -6.21 -7.65
CA SER A 200 18.96 -7.25 -6.77
C SER A 200 19.48 -6.71 -5.45
N ALA A 201 19.15 -7.36 -4.34
CA ALA A 201 19.63 -6.92 -3.03
C ALA A 201 19.47 -7.94 -1.90
N ASN A 202 20.29 -7.77 -0.86
CA ASN A 202 20.25 -8.65 0.31
C ASN A 202 19.29 -8.02 1.31
N ALA A 203 18.40 -8.84 1.88
CA ALA A 203 17.43 -8.34 2.86
C ALA A 203 18.13 -7.91 4.15
N GLN A 204 17.44 -7.11 4.96
CA GLN A 204 18.01 -6.64 6.22
C GLN A 204 18.35 -7.81 7.13
N GLN A 205 17.62 -8.90 6.96
CA GLN A 205 17.80 -10.10 7.75
C GLN A 205 18.71 -11.10 7.05
N LYS A 206 19.79 -11.47 7.72
CA LYS A 206 20.76 -12.41 7.16
C LYS A 206 20.08 -13.63 6.56
N GLY A 207 20.54 -14.02 5.39
CA GLY A 207 19.99 -15.20 4.74
C GLY A 207 18.89 -14.91 3.75
N SER A 208 18.28 -13.73 3.87
CA SER A 208 17.20 -13.36 2.97
C SER A 208 17.61 -12.40 1.85
N GLU A 209 17.11 -12.68 0.64
CA GLU A 209 17.43 -11.89 -0.53
C GLU A 209 16.20 -11.29 -1.17
N GLU A 210 16.43 -10.32 -2.04
CA GLU A 210 15.39 -9.62 -2.77
C GLU A 210 15.78 -9.62 -4.24
N GLN A 211 14.91 -10.13 -5.10
CA GLN A 211 15.18 -10.20 -6.55
C GLN A 211 14.00 -9.76 -7.41
N ARG A 212 14.19 -8.76 -8.26
CA ARG A 212 13.08 -8.34 -9.11
C ARG A 212 13.39 -7.97 -10.56
N TYR A 213 12.51 -8.42 -11.46
CA TYR A 213 12.61 -8.13 -12.89
C TYR A 213 11.23 -7.65 -13.31
N ALA A 214 11.16 -6.43 -13.82
CA ALA A 214 9.88 -5.86 -14.24
C ALA A 214 9.95 -5.09 -15.56
N ILE A 215 8.90 -5.22 -16.36
CA ILE A 215 8.82 -4.51 -17.63
C ILE A 215 7.38 -4.13 -17.93
N ALA A 216 7.16 -2.87 -18.25
CA ALA A 216 5.83 -2.36 -18.54
C ALA A 216 5.75 -1.72 -19.92
N PRO A 217 5.11 -2.41 -20.88
CA PRO A 217 4.93 -1.96 -22.27
C PRO A 217 3.61 -1.22 -22.48
N ALA A 218 3.69 0.05 -22.91
CA ALA A 218 2.48 0.82 -23.17
C ALA A 218 2.47 1.30 -24.63
N PHE A 219 1.27 1.35 -25.21
CA PHE A 219 1.06 1.78 -26.60
C PHE A 219 -0.15 2.74 -26.67
N THR A 220 0.07 3.95 -27.19
CA THR A 220 -1.01 4.94 -27.29
C THR A 220 -1.36 5.31 -28.72
N TRP A 221 -2.64 5.12 -29.05
CA TRP A 221 -3.17 5.40 -30.38
C TRP A 221 -4.13 6.56 -30.34
N ARG A 222 -3.73 7.70 -30.92
CA ARG A 222 -4.59 8.89 -30.97
C ARG A 222 -4.94 9.19 -32.43
N PRO A 223 -6.03 8.58 -32.96
CA PRO A 223 -6.49 8.77 -34.34
C PRO A 223 -6.95 10.18 -34.62
N ASP A 224 -7.00 11.00 -33.57
CA ASP A 224 -7.46 12.37 -33.70
C ASP A 224 -7.32 13.05 -32.34
N ASP A 225 -7.88 14.25 -32.19
CA ASP A 225 -7.78 14.94 -30.91
C ASP A 225 -8.92 14.68 -29.94
N LYS A 226 -9.77 13.72 -30.24
CA LYS A 226 -10.88 13.40 -29.36
C LYS A 226 -10.97 11.88 -29.10
N THR A 227 -9.88 11.17 -29.39
CA THR A 227 -9.85 9.72 -29.20
C THR A 227 -8.46 9.21 -28.80
N ASN A 228 -8.41 8.52 -27.66
CA ASN A 228 -7.17 7.95 -27.13
C ASN A 228 -7.36 6.53 -26.59
N PHE A 229 -6.53 5.61 -27.08
CA PHE A 229 -6.59 4.23 -26.64
C PHE A 229 -5.16 3.83 -26.28
N THR A 230 -4.86 3.78 -24.99
CA THR A 230 -3.53 3.40 -24.55
C THR A 230 -3.51 2.00 -23.96
N PHE A 231 -2.63 1.17 -24.51
CA PHE A 231 -2.44 -0.22 -24.09
C PHE A 231 -1.52 -0.21 -22.90
N LEU A 232 -1.96 -0.85 -21.82
CA LEU A 232 -1.16 -0.89 -20.61
C LEU A 232 -0.85 -2.31 -20.14
N SER A 233 0.42 -2.70 -20.25
CA SER A 233 0.81 -4.02 -19.82
C SER A 233 1.89 -3.92 -18.74
N TYR A 234 2.00 -4.98 -17.94
CA TYR A 234 2.98 -5.07 -16.85
C TYR A 234 3.35 -6.56 -16.64
N PHE A 235 4.64 -6.84 -16.71
CA PHE A 235 5.15 -8.20 -16.51
C PHE A 235 6.30 -8.14 -15.50
N GLN A 236 6.19 -8.91 -14.42
CA GLN A 236 7.22 -8.91 -13.39
C GLN A 236 7.49 -10.31 -12.83
N ASN A 237 8.74 -10.52 -12.48
CA ASN A 237 9.19 -11.79 -11.94
C ASN A 237 10.07 -11.58 -10.71
N GLU A 238 9.72 -12.25 -9.62
CA GLU A 238 10.48 -12.16 -8.38
C GLU A 238 10.78 -13.55 -7.84
N PRO A 239 12.03 -14.03 -8.03
CA PRO A 239 12.48 -15.34 -7.56
C PRO A 239 12.38 -15.40 -6.04
N GLU A 240 12.93 -14.37 -5.40
CA GLU A 240 12.90 -14.24 -3.94
C GLU A 240 12.47 -12.82 -3.54
N THR A 241 11.39 -12.75 -2.76
CA THR A 241 10.83 -11.48 -2.31
C THR A 241 11.36 -10.94 -0.97
N GLY A 242 12.23 -11.69 -0.32
CA GLY A 242 12.80 -11.22 0.95
C GLY A 242 12.22 -11.79 2.23
N TYR A 243 12.49 -11.10 3.34
CA TYR A 243 12.01 -11.50 4.66
C TYR A 243 10.53 -11.19 4.87
N TYR A 244 9.84 -12.04 5.62
CA TYR A 244 8.44 -11.84 5.91
C TYR A 244 8.11 -12.57 7.21
N GLY A 245 9.10 -12.64 8.10
CA GLY A 245 8.92 -13.36 9.34
C GLY A 245 8.52 -12.53 10.55
N TRP A 246 8.15 -13.24 11.62
CA TRP A 246 7.72 -12.64 12.89
C TRP A 246 8.78 -12.72 13.98
N LEU A 247 8.85 -11.69 14.80
CA LEU A 247 9.77 -11.66 15.91
C LEU A 247 9.00 -11.33 17.18
N PRO A 248 9.42 -11.92 18.31
CA PRO A 248 8.81 -11.73 19.64
C PRO A 248 9.03 -10.34 20.18
N LYS A 249 8.12 -9.91 21.06
CA LYS A 249 8.25 -8.59 21.66
C LYS A 249 9.43 -8.69 22.61
N GLU A 250 9.69 -9.93 23.05
CA GLU A 250 10.79 -10.22 23.95
C GLU A 250 12.04 -10.46 23.11
N GLY A 251 12.86 -9.43 23.01
CA GLY A 251 14.06 -9.53 22.22
C GLY A 251 14.04 -8.37 21.24
N THR A 252 12.87 -7.78 21.09
CA THR A 252 12.69 -6.65 20.18
C THR A 252 12.24 -5.42 20.99
N VAL A 253 10.94 -5.32 21.26
CA VAL A 253 10.41 -4.19 22.03
C VAL A 253 10.90 -4.20 23.48
N GLU A 254 10.86 -5.38 24.09
CA GLU A 254 11.29 -5.55 25.47
C GLU A 254 12.56 -6.38 25.52
N PRO A 255 13.30 -6.29 26.62
CA PRO A 255 14.55 -7.04 26.76
C PRO A 255 14.30 -8.52 27.00
N LEU A 256 15.31 -9.32 26.70
CA LEU A 256 15.22 -10.76 26.92
C LEU A 256 15.62 -10.94 28.38
N PRO A 257 15.30 -12.09 28.98
CA PRO A 257 15.69 -12.25 30.38
C PRO A 257 17.11 -11.76 30.70
N ASN A 258 18.10 -12.20 29.92
CA ASN A 258 19.48 -11.77 30.16
C ASN A 258 19.66 -10.26 30.03
N GLY A 259 18.62 -9.57 29.57
CA GLY A 259 18.71 -8.12 29.44
C GLY A 259 19.13 -7.61 28.07
N LYS A 260 19.38 -8.52 27.14
CA LYS A 260 19.79 -8.14 25.79
C LYS A 260 18.60 -8.20 24.82
N ARG A 261 18.82 -7.76 23.59
CA ARG A 261 17.78 -7.76 22.56
C ARG A 261 18.27 -8.38 21.24
N LEU A 262 17.38 -9.06 20.52
CA LEU A 262 17.76 -9.65 19.24
C LEU A 262 18.14 -8.48 18.33
N PRO A 263 19.19 -8.65 17.51
CA PRO A 263 19.57 -7.55 16.63
C PRO A 263 18.61 -7.33 15.45
N THR A 264 18.51 -6.07 15.02
CA THR A 264 17.62 -5.67 13.93
C THR A 264 17.77 -6.47 12.65
N ASP A 265 18.84 -7.24 12.54
CA ASP A 265 19.06 -8.04 11.34
C ASP A 265 18.83 -9.50 11.65
N PHE A 266 18.32 -9.78 12.84
CA PHE A 266 18.06 -11.15 13.24
C PHE A 266 17.00 -11.80 12.35
N ASN A 267 17.25 -13.06 11.98
CA ASN A 267 16.32 -13.84 11.15
C ASN A 267 16.04 -15.19 11.83
N GLU A 268 14.77 -15.52 12.00
CA GLU A 268 14.40 -16.77 12.65
C GLU A 268 13.96 -17.88 11.72
N GLY A 269 14.30 -17.79 10.44
CA GLY A 269 13.87 -18.82 9.52
C GLY A 269 14.92 -19.76 8.98
N ALA A 270 14.47 -20.83 8.34
CA ALA A 270 15.37 -21.80 7.76
C ALA A 270 16.30 -21.14 6.76
N LYS A 271 17.50 -21.69 6.65
CA LYS A 271 18.50 -21.16 5.73
C LYS A 271 17.95 -21.25 4.30
N ASN A 272 17.02 -22.19 4.10
CA ASN A 272 16.40 -22.42 2.81
C ASN A 272 14.95 -21.95 2.73
N ASN A 273 14.69 -20.82 3.36
CA ASN A 273 13.36 -20.21 3.34
C ASN A 273 13.33 -19.60 1.92
N THR A 274 12.21 -19.76 1.21
CA THR A 274 12.12 -19.20 -0.14
C THR A 274 10.75 -18.57 -0.38
N TYR A 275 10.74 -17.49 -1.16
CA TYR A 275 9.51 -16.75 -1.42
C TYR A 275 9.54 -16.14 -2.83
N SER A 276 8.65 -16.59 -3.71
CA SER A 276 8.60 -16.05 -5.06
C SER A 276 7.20 -15.63 -5.48
N ARG A 277 7.15 -14.64 -6.36
CA ARG A 277 5.89 -14.10 -6.89
C ARG A 277 6.02 -13.79 -8.36
N ASN A 278 4.98 -14.13 -9.12
CA ASN A 278 4.97 -13.91 -10.55
C ASN A 278 3.75 -13.10 -10.99
N GLU A 279 4.01 -12.00 -11.71
CA GLU A 279 2.94 -11.12 -12.19
C GLU A 279 2.93 -10.92 -13.71
N LYS A 280 1.74 -11.02 -14.30
CA LYS A 280 1.52 -10.85 -15.76
C LYS A 280 0.19 -10.16 -16.02
N MET A 281 0.23 -9.01 -16.68
CA MET A 281 -0.99 -8.30 -16.97
C MET A 281 -1.02 -7.47 -18.25
N VAL A 282 -2.17 -7.50 -18.92
CA VAL A 282 -2.41 -6.76 -20.15
C VAL A 282 -3.76 -6.06 -20.02
N GLY A 283 -3.85 -4.86 -20.55
CA GLY A 283 -5.08 -4.09 -20.49
C GLY A 283 -4.97 -2.81 -21.30
N TYR A 284 -5.87 -1.87 -21.03
CA TYR A 284 -5.85 -0.62 -21.76
C TYR A 284 -6.76 0.43 -21.15
N SER A 285 -6.42 1.68 -21.46
CA SER A 285 -7.17 2.84 -21.00
C SER A 285 -7.62 3.51 -22.30
N PHE A 286 -8.92 3.73 -22.42
CA PHE A 286 -9.50 4.32 -23.61
C PHE A 286 -10.50 5.41 -23.27
N ASP A 287 -10.45 6.50 -24.03
CA ASP A 287 -11.37 7.60 -23.84
C ASP A 287 -11.71 8.16 -25.21
N HIS A 288 -12.91 8.71 -25.33
CA HIS A 288 -13.35 9.27 -26.59
C HIS A 288 -14.38 10.35 -26.32
N GLU A 289 -14.19 11.49 -26.96
CA GLU A 289 -15.09 12.61 -26.83
C GLU A 289 -15.92 12.64 -28.11
N PHE A 290 -17.19 12.28 -28.00
CA PHE A 290 -18.08 12.25 -29.16
C PHE A 290 -18.44 13.66 -29.60
N ASN A 291 -18.75 14.51 -28.64
CA ASN A 291 -19.10 15.88 -28.94
C ASN A 291 -18.97 16.76 -27.72
N ASP A 292 -19.58 17.94 -27.77
CA ASP A 292 -19.52 18.90 -26.69
C ASP A 292 -20.20 18.46 -25.40
N THR A 293 -20.96 17.37 -25.45
CA THR A 293 -21.65 16.93 -24.26
C THR A 293 -21.35 15.48 -23.84
N PHE A 294 -21.12 14.60 -24.81
CA PHE A 294 -20.83 13.21 -24.50
C PHE A 294 -19.39 12.76 -24.71
N THR A 295 -18.84 12.07 -23.71
CA THR A 295 -17.49 11.54 -23.74
C THR A 295 -17.52 10.19 -23.04
N VAL A 296 -16.84 9.20 -23.61
CA VAL A 296 -16.83 7.87 -22.99
C VAL A 296 -15.42 7.37 -22.80
N ARG A 297 -15.19 6.72 -21.65
CA ARG A 297 -13.89 6.16 -21.35
C ARG A 297 -14.06 4.80 -20.67
N GLN A 298 -13.20 3.87 -21.05
CA GLN A 298 -13.23 2.51 -20.52
C GLN A 298 -11.84 2.02 -20.16
N ASN A 299 -11.74 1.39 -18.99
CA ASN A 299 -10.48 0.85 -18.51
C ASN A 299 -10.62 -0.64 -18.30
N LEU A 300 -9.72 -1.39 -18.90
CA LEU A 300 -9.75 -2.85 -18.81
C LEU A 300 -8.38 -3.45 -18.58
N ARG A 301 -8.34 -4.51 -17.78
CA ARG A 301 -7.11 -5.23 -17.49
C ARG A 301 -7.34 -6.68 -17.17
N PHE A 302 -6.40 -7.51 -17.57
CA PHE A 302 -6.44 -8.92 -17.25
C PHE A 302 -5.07 -9.32 -16.72
N ALA A 303 -5.04 -10.08 -15.63
CA ALA A 303 -3.76 -10.50 -15.08
C ALA A 303 -3.79 -11.87 -14.41
N GLU A 304 -2.75 -12.64 -14.63
CA GLU A 304 -2.63 -13.94 -14.02
C GLU A 304 -1.41 -13.83 -13.13
N ASN A 305 -1.59 -14.11 -11.84
CA ASN A 305 -0.49 -14.00 -10.88
C ASN A 305 -0.22 -15.24 -10.04
N LYS A 306 1.07 -15.55 -9.89
CA LYS A 306 1.49 -16.70 -9.13
C LYS A 306 2.43 -16.32 -8.01
N THR A 307 2.48 -17.17 -6.99
CA THR A 307 3.40 -16.97 -5.88
C THR A 307 3.55 -18.28 -5.11
N SER A 308 4.74 -18.50 -4.57
CA SER A 308 5.01 -19.72 -3.83
C SER A 308 6.12 -19.49 -2.80
N GLN A 309 6.09 -20.25 -1.71
CA GLN A 309 7.08 -20.10 -0.66
C GLN A 309 7.30 -21.34 0.19
N ASN A 310 8.48 -21.35 0.81
CA ASN A 310 8.92 -22.39 1.73
C ASN A 310 9.40 -21.49 2.85
N SER A 311 8.54 -21.26 3.83
CA SER A 311 8.93 -20.38 4.91
C SER A 311 8.70 -20.82 6.34
N VAL A 312 9.78 -20.77 7.09
CA VAL A 312 9.77 -21.10 8.50
C VAL A 312 9.72 -19.74 9.19
N TYR A 313 8.61 -19.45 9.84
CA TYR A 313 8.46 -18.20 10.55
C TYR A 313 8.45 -18.51 12.03
N GLY A 314 8.74 -17.50 12.84
CA GLY A 314 8.75 -17.72 14.27
C GLY A 314 7.42 -17.35 14.87
N TYR A 315 7.02 -18.07 15.89
CA TYR A 315 5.80 -17.73 16.58
C TYR A 315 6.37 -16.97 17.76
N GLY A 316 5.90 -17.21 18.98
CA GLY A 316 6.46 -16.45 20.10
C GLY A 316 7.54 -17.14 20.91
N VAL A 317 7.94 -16.55 22.04
CA VAL A 317 8.94 -17.20 22.89
C VAL A 317 8.10 -18.24 23.64
N CYS A 318 8.71 -19.32 24.07
CA CYS A 318 8.01 -20.40 24.75
C CYS A 318 7.08 -19.99 25.90
N SER A 319 7.43 -18.90 26.57
CA SER A 319 6.63 -18.40 27.68
C SER A 319 5.45 -17.56 27.18
N ASP A 320 5.20 -17.62 25.88
CA ASP A 320 4.11 -16.83 25.30
C ASP A 320 2.85 -17.68 25.24
N PRO A 321 1.72 -17.12 25.67
CA PRO A 321 0.43 -17.83 25.66
C PRO A 321 0.22 -18.69 24.41
N ALA A 322 0.57 -18.15 23.26
CA ALA A 322 0.41 -18.86 22.00
C ALA A 322 0.99 -20.26 22.03
N ASN A 323 2.17 -20.40 22.65
CA ASN A 323 2.84 -21.68 22.72
C ASN A 323 2.44 -22.54 23.90
N ALA A 324 1.47 -22.06 24.67
CA ALA A 324 0.97 -22.79 25.83
C ALA A 324 0.93 -24.30 25.61
N TYR A 325 0.35 -24.73 24.51
CA TYR A 325 0.22 -26.15 24.19
C TYR A 325 1.42 -26.76 23.47
N SER A 326 2.56 -26.08 23.48
CA SER A 326 3.74 -26.60 22.78
C SER A 326 4.53 -27.61 23.58
N LYS A 327 4.76 -28.78 22.98
CA LYS A 327 5.51 -29.82 23.64
C LYS A 327 6.98 -29.44 23.79
N GLN A 328 7.64 -29.15 22.68
CA GLN A 328 9.05 -28.75 22.75
C GLN A 328 9.25 -27.66 23.79
N CYS A 329 8.24 -26.79 23.91
CA CYS A 329 8.30 -25.69 24.85
C CYS A 329 8.11 -26.12 26.30
N ALA A 330 7.05 -26.88 26.54
CA ALA A 330 6.74 -27.35 27.90
C ALA A 330 7.88 -28.15 28.50
N ALA A 331 8.62 -28.84 27.65
CA ALA A 331 9.73 -29.65 28.09
C ALA A 331 11.00 -28.85 28.40
N LEU A 332 10.82 -27.60 28.83
CA LEU A 332 11.96 -26.74 29.18
C LEU A 332 11.82 -26.27 30.61
N ALA A 333 12.94 -25.87 31.22
CA ALA A 333 12.94 -25.38 32.60
C ALA A 333 12.07 -24.13 32.65
N PRO A 334 10.97 -24.18 33.42
CA PRO A 334 10.02 -23.07 33.58
C PRO A 334 10.58 -21.65 33.45
N ALA A 335 11.86 -21.50 33.77
CA ALA A 335 12.50 -20.19 33.69
C ALA A 335 13.22 -19.96 32.36
N ASP A 336 13.20 -20.98 31.50
CA ASP A 336 13.86 -20.89 30.19
C ASP A 336 12.85 -20.61 29.06
N LYS A 337 11.58 -20.87 29.33
CA LYS A 337 10.53 -20.66 28.34
C LYS A 337 10.52 -19.23 27.79
N GLY A 338 11.09 -18.32 28.59
CA GLY A 338 11.12 -16.91 28.23
C GLY A 338 12.25 -16.44 27.32
N HIS A 339 13.16 -17.33 26.96
CA HIS A 339 14.24 -16.94 26.06
C HIS A 339 14.48 -17.97 24.94
N TYR A 340 13.45 -18.75 24.68
CA TYR A 340 13.48 -19.77 23.62
C TYR A 340 12.35 -19.45 22.66
N LEU A 341 12.68 -19.37 21.38
CA LEU A 341 11.70 -19.06 20.34
C LEU A 341 11.05 -20.30 19.74
N ALA A 342 9.73 -20.29 19.65
CA ALA A 342 8.99 -21.41 19.04
C ALA A 342 8.73 -20.98 17.61
N ARG A 343 8.79 -21.94 16.69
CA ARG A 343 8.60 -21.64 15.28
C ARG A 343 7.67 -22.61 14.59
N LYS A 344 7.12 -22.14 13.47
CA LYS A 344 6.22 -22.92 12.62
C LYS A 344 6.68 -22.77 11.17
N TYR A 345 5.87 -23.22 10.23
CA TYR A 345 6.29 -23.11 8.86
C TYR A 345 5.13 -23.28 7.92
N VAL A 346 5.33 -22.77 6.71
CA VAL A 346 4.32 -22.90 5.68
C VAL A 346 5.00 -23.12 4.31
N VAL A 347 4.33 -23.93 3.50
CA VAL A 347 4.77 -24.24 2.15
C VAL A 347 3.56 -23.84 1.34
N ASP A 348 3.74 -22.91 0.41
CA ASP A 348 2.63 -22.42 -0.37
C ASP A 348 2.97 -22.34 -1.84
N ASP A 349 1.93 -22.41 -2.66
CA ASP A 349 2.04 -22.28 -4.11
C ASP A 349 0.64 -21.97 -4.60
N GLU A 350 0.49 -20.81 -5.22
CA GLU A 350 -0.79 -20.36 -5.72
C GLU A 350 -0.70 -19.81 -7.14
N LYS A 351 -1.87 -19.58 -7.72
CA LYS A 351 -1.98 -19.04 -9.06
C LYS A 351 -3.36 -18.41 -9.14
N LEU A 352 -3.42 -17.14 -9.55
CA LEU A 352 -4.71 -16.49 -9.70
C LEU A 352 -4.82 -15.68 -10.97
N GLN A 353 -6.05 -15.51 -11.43
CA GLN A 353 -6.31 -14.71 -12.61
C GLN A 353 -7.39 -13.72 -12.17
N ASN A 354 -7.31 -12.52 -12.72
CA ASN A 354 -8.22 -11.42 -12.39
C ASN A 354 -8.52 -10.61 -13.63
N PHE A 355 -9.81 -10.41 -13.90
CA PHE A 355 -10.22 -9.65 -15.06
C PHE A 355 -10.97 -8.43 -14.58
N SER A 356 -10.69 -7.28 -15.21
CA SER A 356 -11.36 -6.05 -14.81
C SER A 356 -11.65 -5.11 -15.97
N VAL A 357 -12.83 -4.50 -15.94
CA VAL A 357 -13.24 -3.53 -16.93
C VAL A 357 -14.24 -2.58 -16.32
N ASP A 358 -13.98 -1.30 -16.52
CA ASP A 358 -14.86 -0.28 -16.02
C ASP A 358 -15.18 0.55 -17.24
N THR A 359 -16.47 0.76 -17.48
CA THR A 359 -16.87 1.57 -18.60
C THR A 359 -17.74 2.65 -18.02
N GLN A 360 -17.46 3.88 -18.42
CA GLN A 360 -18.21 5.02 -17.90
C GLN A 360 -18.52 6.02 -18.99
N LEU A 361 -19.59 6.79 -18.77
CA LEU A 361 -20.02 7.82 -19.71
C LEU A 361 -20.09 9.15 -18.97
N GLN A 362 -19.47 10.17 -19.55
CA GLN A 362 -19.43 11.50 -18.97
C GLN A 362 -20.24 12.44 -19.83
N SER A 363 -21.32 12.96 -19.27
CA SER A 363 -22.19 13.87 -20.00
C SER A 363 -22.12 15.27 -19.39
N LYS A 364 -21.72 16.24 -20.20
CA LYS A 364 -21.62 17.62 -19.74
C LYS A 364 -22.78 18.43 -20.29
N PHE A 365 -23.63 18.93 -19.41
CA PHE A 365 -24.77 19.74 -19.82
C PHE A 365 -25.12 20.73 -18.73
N ALA A 366 -25.78 21.82 -19.11
CA ALA A 366 -26.16 22.85 -18.14
C ALA A 366 -27.65 22.92 -17.83
N THR A 367 -27.96 23.70 -16.81
CA THR A 367 -29.32 23.91 -16.36
C THR A 367 -29.35 25.31 -15.76
N GLY A 368 -29.26 26.32 -16.64
CA GLY A 368 -29.28 27.70 -16.20
C GLY A 368 -28.46 28.00 -14.95
N ASP A 369 -27.20 28.39 -15.15
CA ASP A 369 -26.28 28.71 -14.05
C ASP A 369 -25.79 27.47 -13.31
N ILE A 370 -26.48 26.35 -13.51
CA ILE A 370 -26.09 25.12 -12.87
C ILE A 370 -25.49 24.19 -13.92
N ASP A 371 -24.17 24.16 -13.99
CA ASP A 371 -23.48 23.32 -14.95
C ASP A 371 -23.40 21.91 -14.38
N HIS A 372 -23.53 20.91 -15.25
CA HIS A 372 -23.49 19.53 -14.79
C HIS A 372 -22.40 18.68 -15.43
N THR A 373 -21.89 17.75 -14.63
CA THR A 373 -20.87 16.82 -15.06
C THR A 373 -21.38 15.46 -14.55
N LEU A 374 -22.19 14.81 -15.38
CA LEU A 374 -22.79 13.53 -15.03
C LEU A 374 -21.98 12.28 -15.38
N LEU A 375 -21.55 11.56 -14.35
CA LEU A 375 -20.79 10.34 -14.56
C LEU A 375 -21.67 9.13 -14.28
N THR A 376 -21.74 8.22 -15.25
CA THR A 376 -22.55 7.03 -15.09
C THR A 376 -21.80 5.87 -15.73
N GLY A 377 -21.49 4.84 -14.94
CA GLY A 377 -20.77 3.71 -15.50
C GLY A 377 -21.05 2.36 -14.87
N VAL A 378 -20.48 1.33 -15.49
CA VAL A 378 -20.62 -0.02 -15.00
C VAL A 378 -19.23 -0.60 -14.86
N ASP A 379 -18.96 -1.15 -13.69
CA ASP A 379 -17.68 -1.73 -13.32
C ASP A 379 -17.80 -3.23 -13.08
N PHE A 380 -16.87 -4.00 -13.65
CA PHE A 380 -16.91 -5.44 -13.47
C PHE A 380 -15.55 -6.02 -13.15
N MET A 381 -15.56 -7.13 -12.43
CA MET A 381 -14.33 -7.83 -12.05
C MET A 381 -14.58 -9.25 -11.57
N ARG A 382 -13.62 -10.12 -11.84
CA ARG A 382 -13.69 -11.49 -11.39
C ARG A 382 -12.26 -11.91 -11.06
N MET A 383 -12.11 -12.63 -9.96
CA MET A 383 -10.80 -13.09 -9.56
C MET A 383 -10.91 -14.55 -9.14
N ARG A 384 -9.91 -15.33 -9.54
CA ARG A 384 -9.86 -16.74 -9.21
C ARG A 384 -8.44 -16.97 -8.75
N ASN A 385 -8.29 -17.63 -7.61
CA ASN A 385 -6.99 -17.95 -7.04
C ASN A 385 -7.01 -19.40 -6.54
N ASP A 386 -5.98 -20.16 -6.89
CA ASP A 386 -5.90 -21.56 -6.47
C ASP A 386 -4.78 -21.72 -5.45
N ILE A 387 -5.16 -22.10 -4.23
CA ILE A 387 -4.20 -22.27 -3.14
C ILE A 387 -3.90 -23.73 -2.78
N ASN A 388 -2.63 -24.10 -2.88
CA ASN A 388 -2.17 -25.45 -2.55
C ASN A 388 -0.98 -25.27 -1.60
N ALA A 389 -1.24 -25.37 -0.30
CA ALA A 389 -0.17 -25.17 0.66
C ALA A 389 -0.23 -26.10 1.85
N TRP A 390 0.84 -26.03 2.65
CA TRP A 390 1.00 -26.86 3.83
C TRP A 390 1.48 -26.00 5.00
N PHE A 391 0.84 -26.14 6.17
CA PHE A 391 1.23 -25.38 7.36
C PHE A 391 1.72 -26.25 8.52
N GLY A 392 2.81 -25.80 9.14
CA GLY A 392 3.35 -26.51 10.28
C GLY A 392 2.73 -25.90 11.54
N TYR A 393 2.26 -26.77 12.43
CA TYR A 393 1.66 -26.34 13.68
C TYR A 393 2.71 -26.49 14.78
N ASP A 394 2.30 -26.42 16.04
CA ASP A 394 3.23 -26.56 17.16
C ASP A 394 4.20 -27.73 17.00
N ASP A 395 5.45 -27.48 17.39
CA ASP A 395 6.52 -28.49 17.33
C ASP A 395 6.85 -28.97 15.93
N SER A 396 6.32 -28.30 14.91
CA SER A 396 6.59 -28.71 13.54
C SER A 396 8.03 -28.38 13.15
N VAL A 397 8.64 -27.48 13.91
CA VAL A 397 10.02 -27.11 13.64
C VAL A 397 10.76 -26.85 14.94
N PRO A 398 12.06 -27.17 14.99
CA PRO A 398 12.92 -27.00 16.16
C PRO A 398 12.73 -25.64 16.83
N LEU A 399 13.14 -25.52 18.09
CA LEU A 399 13.03 -24.26 18.81
C LEU A 399 14.30 -23.46 18.58
N LEU A 400 14.34 -22.23 19.06
CA LEU A 400 15.55 -21.40 18.91
C LEU A 400 15.91 -20.69 20.20
N ASN A 401 17.16 -20.84 20.63
CA ASN A 401 17.63 -20.19 21.85
C ASN A 401 18.02 -18.78 21.48
N LEU A 402 17.26 -17.80 21.94
CA LEU A 402 17.55 -16.42 21.63
C LEU A 402 18.71 -15.87 22.44
N TYR A 403 19.26 -16.70 23.32
CA TYR A 403 20.37 -16.27 24.15
C TYR A 403 21.56 -15.85 23.29
N ASN A 404 21.95 -16.70 22.36
CA ASN A 404 23.10 -16.41 21.50
C ASN A 404 23.21 -14.95 20.99
N PRO A 405 22.15 -14.40 20.37
CA PRO A 405 22.25 -13.01 19.89
C PRO A 405 22.70 -12.06 21.01
N SER A 406 23.99 -11.73 20.98
CA SER A 406 24.65 -10.88 21.98
C SER A 406 25.38 -9.70 21.34
N SER A 407 26.61 -9.45 21.82
CA SER A 407 27.44 -8.36 21.30
C SER A 407 28.27 -8.85 20.12
N HIS A 408 28.43 -10.16 19.98
CA HIS A 408 29.19 -10.67 18.85
C HIS A 408 28.26 -10.66 17.64
N HIS A 409 26.95 -10.73 17.91
CA HIS A 409 25.97 -10.71 16.84
C HIS A 409 25.50 -9.29 16.55
N HIS A 410 25.63 -8.41 17.54
CA HIS A 410 25.30 -7.00 17.34
C HIS A 410 26.58 -6.49 16.69
N HIS A 411 26.88 -5.21 16.88
CA HIS A 411 28.08 -4.59 16.34
C HIS A 411 28.97 -5.46 15.43
N HIS A 412 30.01 -6.05 16.01
CA HIS A 412 30.92 -6.89 15.23
C HIS A 412 30.12 -7.92 14.45
N HIS A 413 30.17 -7.80 13.12
CA HIS A 413 29.42 -8.69 12.23
C HIS A 413 27.93 -8.64 12.58
N GLY A 414 27.22 -9.74 12.41
CA GLY A 414 25.81 -9.73 12.73
C GLY A 414 25.22 -11.12 12.92
N SER A 415 23.90 -11.17 12.90
CA SER A 415 23.18 -12.43 13.05
C SER A 415 23.81 -13.50 12.16
N SER A 416 23.43 -14.75 12.38
CA SER A 416 23.95 -15.84 11.57
C SER A 416 22.82 -16.70 11.06
N VAL A 417 22.92 -17.10 9.79
CA VAL A 417 21.90 -17.94 9.18
C VAL A 417 21.77 -19.27 9.92
N ASN A 418 20.53 -19.68 10.19
CA ASN A 418 20.29 -20.95 10.88
C ASN A 418 20.60 -22.15 10.01
N THR A 419 19.84 -23.22 10.16
CA THR A 419 20.07 -24.42 9.37
C THR A 419 18.89 -24.68 8.47
N ASP A 420 19.03 -25.60 7.52
CA ASP A 420 17.94 -25.91 6.60
C ASP A 420 16.79 -26.56 7.35
N PHE A 421 15.64 -26.65 6.69
CA PHE A 421 14.46 -27.28 7.29
C PHE A 421 13.94 -28.21 6.20
N ASP A 422 13.19 -29.24 6.59
CA ASP A 422 12.71 -30.19 5.59
C ASP A 422 11.64 -29.70 4.64
N PHE A 423 10.54 -29.16 5.17
CA PHE A 423 9.43 -28.69 4.32
C PHE A 423 8.79 -29.89 3.67
N ASN A 424 9.61 -30.76 3.11
CA ASN A 424 9.13 -31.98 2.49
C ASN A 424 8.85 -32.94 3.63
N ALA A 425 8.26 -34.07 3.31
CA ALA A 425 7.95 -35.05 4.34
C ALA A 425 7.27 -34.26 5.45
N LYS A 426 6.00 -33.99 5.23
CA LYS A 426 5.22 -33.25 6.19
C LYS A 426 4.65 -34.25 7.17
N ASP A 427 5.22 -34.31 8.36
CA ASP A 427 4.73 -35.25 9.34
C ASP A 427 3.26 -35.00 9.62
N PRO A 428 2.41 -35.97 9.27
CA PRO A 428 0.95 -35.91 9.45
C PRO A 428 0.62 -35.53 10.88
N ALA A 429 1.65 -35.48 11.71
CA ALA A 429 1.51 -35.15 13.12
C ALA A 429 1.46 -33.66 13.41
N ASN A 430 2.58 -32.98 13.18
CA ASN A 430 2.70 -31.57 13.45
C ASN A 430 2.32 -30.65 12.29
N SER A 431 1.83 -31.21 11.19
CA SER A 431 1.44 -30.40 10.04
C SER A 431 0.28 -31.00 9.25
N GLY A 432 -0.39 -30.16 8.46
CA GLY A 432 -1.50 -30.63 7.66
C GLY A 432 -1.55 -29.86 6.36
N PRO A 433 -2.41 -30.26 5.41
CA PRO A 433 -2.54 -29.60 4.10
C PRO A 433 -3.59 -28.49 4.09
N TYR A 434 -3.38 -27.49 3.24
CA TYR A 434 -4.31 -26.38 3.06
C TYR A 434 -4.45 -26.22 1.57
N ARG A 435 -5.64 -26.48 1.05
CA ARG A 435 -5.88 -26.35 -0.39
C ARG A 435 -7.26 -25.75 -0.63
N ILE A 436 -7.28 -24.54 -1.17
CA ILE A 436 -8.53 -23.85 -1.42
C ILE A 436 -8.60 -23.26 -2.83
N LEU A 437 -9.82 -23.05 -3.28
CA LEU A 437 -10.08 -22.43 -4.58
C LEU A 437 -11.05 -21.30 -4.30
N ASN A 438 -10.53 -20.09 -4.28
CA ASN A 438 -11.33 -18.92 -4.02
C ASN A 438 -11.70 -18.22 -5.32
N LYS A 439 -12.99 -17.91 -5.43
CA LYS A 439 -13.53 -17.22 -6.59
C LYS A 439 -14.16 -15.96 -6.06
N GLN A 440 -14.10 -14.90 -6.88
CA GLN A 440 -14.68 -13.62 -6.52
C GLN A 440 -15.23 -12.95 -7.76
N LYS A 441 -16.41 -12.37 -7.62
CA LYS A 441 -17.06 -11.70 -8.72
C LYS A 441 -17.73 -10.45 -8.17
N GLN A 442 -17.59 -9.36 -8.91
CA GLN A 442 -18.22 -8.10 -8.54
C GLN A 442 -18.64 -7.35 -9.78
N THR A 443 -19.81 -6.73 -9.68
CA THR A 443 -20.37 -5.97 -10.77
C THR A 443 -21.08 -4.80 -10.09
N GLY A 444 -20.87 -3.61 -10.63
CA GLY A 444 -21.50 -2.46 -10.05
C GLY A 444 -21.80 -1.43 -11.10
N VAL A 445 -22.83 -0.63 -10.84
CA VAL A 445 -23.24 0.44 -11.73
C VAL A 445 -23.34 1.63 -10.80
N TYR A 446 -22.89 2.80 -11.27
CA TYR A 446 -22.90 3.98 -10.42
C TYR A 446 -23.20 5.25 -11.20
N VAL A 447 -23.72 6.24 -10.48
CA VAL A 447 -24.05 7.52 -11.06
C VAL A 447 -23.54 8.61 -10.14
N GLN A 448 -22.89 9.60 -10.73
CA GLN A 448 -22.34 10.69 -9.96
C GLN A 448 -22.52 11.95 -10.79
N ASP A 449 -22.64 13.07 -10.10
CA ASP A 449 -22.79 14.34 -10.78
C ASP A 449 -22.11 15.45 -10.01
N GLN A 450 -21.30 16.21 -10.73
CA GLN A 450 -20.61 17.33 -10.16
C GLN A 450 -21.31 18.52 -10.77
N ALA A 451 -22.22 19.11 -10.00
CA ALA A 451 -22.98 20.26 -10.47
C ALA A 451 -22.40 21.51 -9.84
N GLN A 452 -21.86 22.41 -10.67
CA GLN A 452 -21.31 23.65 -10.15
C GLN A 452 -22.24 24.82 -10.43
N TRP A 453 -22.74 25.42 -9.35
CA TRP A 453 -23.63 26.56 -9.43
C TRP A 453 -22.85 27.78 -8.95
N ASP A 454 -21.75 28.05 -9.64
CA ASP A 454 -20.87 29.18 -9.35
C ASP A 454 -20.34 29.24 -7.94
N LYS A 455 -19.05 28.97 -7.79
CA LYS A 455 -18.37 29.02 -6.49
C LYS A 455 -18.88 27.97 -5.51
N VAL A 456 -20.06 27.43 -5.81
CA VAL A 456 -20.65 26.39 -4.98
C VAL A 456 -20.64 25.11 -5.78
N LEU A 457 -19.74 24.18 -5.43
CA LEU A 457 -19.69 22.91 -6.12
C LEU A 457 -20.24 21.83 -5.21
N VAL A 458 -21.24 21.13 -5.72
CA VAL A 458 -21.87 20.06 -4.96
C VAL A 458 -21.62 18.77 -5.70
N THR A 459 -21.06 17.79 -4.98
CA THR A 459 -20.79 16.51 -5.57
C THR A 459 -21.68 15.47 -4.89
N LEU A 460 -22.42 14.73 -5.70
CA LEU A 460 -23.31 13.72 -5.16
C LEU A 460 -23.39 12.57 -6.13
N GLY A 461 -23.58 11.37 -5.61
CA GLY A 461 -23.67 10.19 -6.46
C GLY A 461 -23.77 8.93 -5.61
N GLY A 462 -23.87 7.78 -6.26
CA GLY A 462 -23.99 6.53 -5.53
C GLY A 462 -23.67 5.37 -6.42
N ARG A 463 -23.73 4.16 -5.85
CA ARG A 463 -23.42 2.95 -6.60
C ARG A 463 -24.00 1.71 -5.93
N TYR A 464 -24.44 0.75 -6.76
CA TYR A 464 -25.00 -0.50 -6.30
C TYR A 464 -24.01 -1.58 -6.71
N ASP A 465 -23.85 -2.61 -5.88
CA ASP A 465 -22.89 -3.68 -6.14
C ASP A 465 -23.40 -5.12 -6.01
N TRP A 466 -22.86 -5.98 -6.87
CA TRP A 466 -23.18 -7.41 -6.87
C TRP A 466 -21.86 -8.17 -6.67
N ALA A 467 -21.47 -8.31 -5.41
CA ALA A 467 -20.24 -9.01 -5.05
C ALA A 467 -20.52 -10.44 -4.62
N ASP A 468 -20.16 -11.41 -5.48
CA ASP A 468 -20.41 -12.80 -5.17
C ASP A 468 -19.12 -13.61 -5.02
N GLN A 469 -19.02 -14.36 -3.92
CA GLN A 469 -17.84 -15.18 -3.63
C GLN A 469 -18.17 -16.67 -3.53
N GLU A 470 -17.16 -17.50 -3.81
CA GLU A 470 -17.33 -18.93 -3.79
C GLU A 470 -16.00 -19.62 -3.45
N SER A 471 -15.94 -20.22 -2.27
CA SER A 471 -14.73 -20.89 -1.81
C SER A 471 -14.85 -22.42 -1.72
N LEU A 472 -13.89 -23.12 -2.33
CA LEU A 472 -13.87 -24.56 -2.32
C LEU A 472 -12.66 -25.08 -1.55
N ASN A 473 -12.92 -25.88 -0.51
CA ASN A 473 -11.86 -26.48 0.29
C ASN A 473 -11.59 -27.86 -0.31
N ARG A 474 -10.51 -27.97 -1.08
CA ARG A 474 -10.14 -29.22 -1.73
C ARG A 474 -9.84 -30.38 -0.76
N VAL A 475 -9.70 -30.07 0.53
CA VAL A 475 -9.42 -31.12 1.51
C VAL A 475 -10.73 -31.61 2.12
N ALA A 476 -11.51 -30.71 2.70
CA ALA A 476 -12.78 -31.07 3.30
C ALA A 476 -13.85 -31.30 2.23
N GLY A 477 -13.51 -30.98 0.99
CA GLY A 477 -14.46 -31.15 -0.09
C GLY A 477 -15.67 -30.28 0.17
N THR A 478 -15.45 -29.14 0.80
CA THR A 478 -16.52 -28.21 1.11
C THR A 478 -16.55 -27.07 0.10
N THR A 479 -17.65 -26.32 0.08
CA THR A 479 -17.79 -25.17 -0.81
C THR A 479 -18.71 -24.12 -0.20
N ASP A 480 -18.12 -23.00 0.20
CA ASP A 480 -18.88 -21.91 0.80
C ASP A 480 -19.14 -20.83 -0.23
N LYS A 481 -20.36 -20.32 -0.27
CA LYS A 481 -20.72 -19.29 -1.23
C LYS A 481 -21.46 -18.15 -0.57
N ARG A 482 -21.39 -17.00 -1.21
CA ARG A 482 -22.07 -15.82 -0.73
C ARG A 482 -22.17 -14.82 -1.86
N ASP A 483 -23.36 -14.24 -2.00
CA ASP A 483 -23.64 -13.25 -3.02
C ASP A 483 -24.17 -12.02 -2.32
N ASP A 484 -23.43 -10.93 -2.40
CA ASP A 484 -23.86 -9.71 -1.76
C ASP A 484 -24.41 -8.75 -2.78
N LYS A 485 -25.27 -7.87 -2.29
CA LYS A 485 -25.90 -6.85 -3.08
C LYS A 485 -25.81 -5.64 -2.16
N GLN A 486 -24.90 -4.73 -2.48
CA GLN A 486 -24.72 -3.57 -1.62
C GLN A 486 -24.80 -2.22 -2.36
N PHE A 487 -25.34 -1.21 -1.68
CA PHE A 487 -25.45 0.11 -2.27
C PHE A 487 -24.74 1.12 -1.38
N THR A 488 -24.10 2.08 -2.02
CA THR A 488 -23.38 3.13 -1.30
C THR A 488 -23.49 4.43 -2.08
N TRP A 489 -23.46 5.53 -1.36
CA TRP A 489 -23.54 6.84 -2.00
C TRP A 489 -22.66 7.81 -1.25
N ARG A 490 -22.42 8.95 -1.86
CA ARG A 490 -21.61 10.00 -1.26
C ARG A 490 -22.07 11.37 -1.74
N GLY A 491 -22.22 12.29 -0.80
CA GLY A 491 -22.62 13.63 -1.11
C GLY A 491 -21.67 14.60 -0.44
N GLY A 492 -21.31 15.65 -1.16
CA GLY A 492 -20.39 16.64 -0.62
C GLY A 492 -20.55 18.03 -1.21
N VAL A 493 -19.96 19.00 -0.53
CA VAL A 493 -20.04 20.37 -0.96
C VAL A 493 -18.70 21.05 -0.82
N ASN A 494 -18.28 21.72 -1.88
CA ASN A 494 -17.02 22.45 -1.89
C ASN A 494 -17.30 23.89 -2.26
N TYR A 495 -17.12 24.81 -1.30
CA TYR A 495 -17.36 26.21 -1.58
C TYR A 495 -16.12 26.80 -2.24
N LEU A 496 -16.07 26.67 -3.55
CA LEU A 496 -14.95 27.16 -4.34
C LEU A 496 -14.82 28.67 -4.19
N PHE A 497 -13.90 29.12 -3.33
CA PHE A 497 -13.67 30.55 -3.15
C PHE A 497 -12.99 31.05 -4.41
N ASP A 498 -12.10 32.03 -4.26
CA ASP A 498 -11.40 32.58 -5.41
C ASP A 498 -9.99 33.00 -5.02
N ASN A 499 -9.75 33.10 -3.72
CA ASN A 499 -8.44 33.47 -3.20
C ASN A 499 -7.65 32.20 -2.96
N GLY A 500 -8.30 31.07 -3.22
CA GLY A 500 -7.64 29.79 -3.04
C GLY A 500 -8.33 28.88 -2.06
N VAL A 501 -8.68 29.40 -0.89
CA VAL A 501 -9.33 28.59 0.13
C VAL A 501 -10.58 27.92 -0.39
N THR A 502 -10.77 26.67 0.02
CA THR A 502 -11.93 25.92 -0.42
C THR A 502 -12.43 25.06 0.70
N PRO A 503 -13.50 25.49 1.38
CA PRO A 503 -14.05 24.72 2.48
C PRO A 503 -14.78 23.55 1.84
N TYR A 504 -14.89 22.45 2.55
CA TYR A 504 -15.59 21.29 2.01
C TYR A 504 -15.95 20.33 3.13
N PHE A 505 -17.06 19.64 2.93
CA PHE A 505 -17.53 18.66 3.89
C PHE A 505 -18.22 17.60 3.05
N SER A 506 -18.40 16.41 3.64
CA SER A 506 -19.06 15.34 2.91
C SER A 506 -19.24 14.08 3.73
N TYR A 507 -20.26 13.32 3.35
CA TYR A 507 -20.58 12.06 4.00
C TYR A 507 -20.24 11.00 2.96
N SER A 508 -19.66 9.90 3.40
CA SER A 508 -19.29 8.84 2.46
C SER A 508 -19.55 7.45 3.06
N GLU A 509 -19.78 6.46 2.20
CA GLU A 509 -20.04 5.10 2.68
C GLU A 509 -19.21 4.04 1.96
N SER A 510 -19.04 2.89 2.61
CA SER A 510 -18.29 1.78 2.02
C SER A 510 -18.85 0.46 2.55
N PHE A 511 -18.50 -0.63 1.89
CA PHE A 511 -18.96 -1.95 2.34
C PHE A 511 -17.85 -2.95 2.01
N GLU A 512 -17.62 -3.91 2.90
CA GLU A 512 -16.60 -4.92 2.68
C GLU A 512 -17.10 -6.31 3.07
N PRO A 513 -17.35 -7.18 2.08
CA PRO A 513 -17.84 -8.54 2.32
C PRO A 513 -16.84 -9.32 3.18
N SER A 514 -17.34 -10.35 3.86
CA SER A 514 -16.48 -11.18 4.69
C SER A 514 -16.24 -12.53 4.00
N SER A 515 -15.13 -13.17 4.32
CA SER A 515 -14.82 -14.46 3.73
C SER A 515 -14.92 -15.51 4.83
N GLN A 516 -15.08 -15.06 6.06
CA GLN A 516 -15.17 -15.94 7.21
C GLN A 516 -16.54 -16.61 7.39
N VAL A 517 -16.49 -17.84 7.89
CA VAL A 517 -17.70 -18.61 8.10
C VAL A 517 -18.04 -18.71 9.59
N GLY A 518 -19.29 -18.39 9.93
CA GLY A 518 -19.70 -18.43 11.32
C GLY A 518 -20.02 -19.81 11.86
N LYS A 519 -20.70 -19.86 12.98
CA LYS A 519 -21.07 -21.11 13.61
C LYS A 519 -22.16 -21.81 12.80
N ASP A 520 -23.05 -21.02 12.22
CA ASP A 520 -24.15 -21.54 11.42
C ASP A 520 -23.67 -22.06 10.07
N GLY A 521 -22.36 -22.27 9.93
CA GLY A 521 -21.81 -22.76 8.68
C GLY A 521 -21.98 -21.83 7.48
N ASN A 522 -22.40 -20.58 7.73
CA ASN A 522 -22.60 -19.62 6.66
C ASN A 522 -21.55 -18.50 6.65
N ILE A 523 -21.36 -17.89 5.48
CA ILE A 523 -20.40 -16.81 5.35
C ILE A 523 -20.99 -15.57 5.99
N PHE A 524 -20.20 -14.90 6.81
CA PHE A 524 -20.65 -13.70 7.50
C PHE A 524 -21.14 -12.65 6.52
N ALA A 525 -21.86 -11.66 7.04
CA ALA A 525 -22.36 -10.57 6.23
C ALA A 525 -21.21 -9.60 6.08
N PRO A 526 -21.34 -8.60 5.20
CA PRO A 526 -20.27 -7.61 4.99
C PRO A 526 -20.24 -6.56 6.09
N SER A 527 -19.06 -5.98 6.33
CA SER A 527 -18.93 -4.91 7.32
C SER A 527 -19.14 -3.64 6.51
N LYS A 528 -19.41 -2.51 7.17
CA LYS A 528 -19.64 -1.26 6.45
C LYS A 528 -18.90 -0.07 7.03
N GLY A 529 -18.64 0.91 6.17
CA GLY A 529 -17.95 2.11 6.59
C GLY A 529 -18.78 3.37 6.38
N LYS A 530 -18.77 4.24 7.38
CA LYS A 530 -19.50 5.51 7.34
C LYS A 530 -18.54 6.59 7.83
N GLN A 531 -18.37 7.64 7.02
CA GLN A 531 -17.47 8.73 7.41
C GLN A 531 -18.00 10.15 7.21
N TYR A 532 -17.79 10.96 8.24
CA TYR A 532 -18.19 12.36 8.24
C TYR A 532 -16.88 13.13 8.21
N GLU A 533 -16.68 13.90 7.16
CA GLU A 533 -15.46 14.69 7.04
C GLU A 533 -15.73 16.10 6.55
N VAL A 534 -15.03 17.05 7.14
CA VAL A 534 -15.15 18.44 6.79
C VAL A 534 -13.72 18.98 6.84
N GLY A 535 -13.42 19.96 5.99
CA GLY A 535 -12.09 20.50 5.99
C GLY A 535 -11.94 21.52 4.88
N VAL A 536 -10.77 22.14 4.78
CA VAL A 536 -10.53 23.13 3.75
C VAL A 536 -9.27 22.83 2.97
N LYS A 537 -9.29 23.20 1.69
CA LYS A 537 -8.16 22.98 0.82
C LYS A 537 -7.79 24.29 0.16
N TYR A 538 -6.54 24.68 0.30
CA TYR A 538 -6.04 25.90 -0.32
C TYR A 538 -5.28 25.52 -1.57
N VAL A 539 -5.88 25.82 -2.71
CA VAL A 539 -5.27 25.52 -4.00
C VAL A 539 -5.13 26.82 -4.77
N PRO A 540 -4.20 27.69 -4.34
CA PRO A 540 -3.98 28.96 -5.01
C PRO A 540 -3.72 28.75 -6.49
N GLU A 541 -4.33 29.59 -7.33
CA GLU A 541 -4.17 29.48 -8.77
C GLU A 541 -2.88 30.10 -9.31
N ASP A 542 -2.29 31.00 -8.55
CA ASP A 542 -1.05 31.64 -8.97
C ASP A 542 0.18 30.80 -8.63
N ARG A 543 0.45 30.62 -7.34
CA ARG A 543 1.61 29.85 -6.87
C ARG A 543 1.33 28.34 -6.91
N PRO A 544 2.36 27.52 -7.18
CA PRO A 544 2.24 26.07 -7.24
C PRO A 544 2.28 25.47 -5.85
N ILE A 545 1.28 25.79 -5.02
CA ILE A 545 1.25 25.26 -3.68
C ILE A 545 -0.12 24.73 -3.30
N VAL A 546 -0.12 23.58 -2.64
CA VAL A 546 -1.36 22.94 -2.22
C VAL A 546 -1.32 22.68 -0.71
N VAL A 547 -2.40 23.03 -0.04
CA VAL A 547 -2.47 22.79 1.39
C VAL A 547 -3.89 22.40 1.75
N THR A 548 -3.99 21.27 2.42
CA THR A 548 -5.29 20.79 2.83
C THR A 548 -5.21 20.33 4.26
N GLY A 549 -6.35 20.39 4.92
CA GLY A 549 -6.46 19.96 6.29
C GLY A 549 -7.84 19.37 6.38
N ALA A 550 -8.03 18.40 7.26
CA ALA A 550 -9.34 17.80 7.40
C ALA A 550 -9.48 17.11 8.72
N VAL A 551 -10.72 17.03 9.18
CA VAL A 551 -11.05 16.36 10.42
C VAL A 551 -12.18 15.42 10.01
N TYR A 552 -12.16 14.19 10.52
CA TYR A 552 -13.17 13.21 10.13
C TYR A 552 -13.59 12.30 11.28
N ASN A 553 -14.71 11.62 11.08
CA ASN A 553 -15.26 10.67 12.05
C ASN A 553 -15.71 9.45 11.24
N LEU A 554 -14.81 8.48 11.13
CA LEU A 554 -15.05 7.26 10.37
C LEU A 554 -15.39 6.06 11.23
N THR A 555 -16.48 5.39 10.90
CA THR A 555 -16.90 4.22 11.67
C THR A 555 -17.17 2.95 10.84
N LYS A 556 -16.48 1.88 11.23
CA LYS A 556 -16.62 0.58 10.60
C LYS A 556 -17.64 -0.16 11.43
N THR A 557 -18.65 -0.72 10.79
CA THR A 557 -19.67 -1.42 11.55
C THR A 557 -19.74 -2.90 11.19
N ASN A 558 -20.37 -3.68 12.06
CA ASN A 558 -20.52 -5.11 11.88
C ASN A 558 -19.15 -5.74 11.75
N ASN A 559 -18.24 -5.34 12.62
CA ASN A 559 -16.91 -5.89 12.62
C ASN A 559 -16.97 -7.23 13.39
N LEU A 560 -16.37 -8.28 12.86
CA LEU A 560 -16.39 -9.58 13.54
C LEU A 560 -15.64 -9.54 14.87
N MET A 561 -16.22 -10.14 15.91
CA MET A 561 -15.61 -10.18 17.24
C MET A 561 -15.72 -11.57 17.87
N ALA A 562 -15.11 -11.75 19.03
CA ALA A 562 -15.14 -13.04 19.71
C ALA A 562 -16.55 -13.45 20.07
N ASP A 563 -16.80 -14.76 20.11
CA ASP A 563 -18.12 -15.24 20.47
C ASP A 563 -18.29 -14.98 21.96
N PRO A 564 -19.40 -14.33 22.33
CA PRO A 564 -19.66 -14.03 23.74
C PRO A 564 -19.54 -15.27 24.61
N GLU A 565 -19.74 -16.44 24.00
CA GLU A 565 -19.63 -17.71 24.69
C GLU A 565 -18.45 -18.53 24.15
N GLY A 566 -17.38 -17.83 23.78
CA GLY A 566 -16.18 -18.45 23.25
C GLY A 566 -16.43 -19.75 22.52
N SER A 567 -16.41 -19.72 21.19
CA SER A 567 -16.68 -20.93 20.43
C SER A 567 -15.88 -21.09 19.15
N PHE A 568 -14.62 -20.70 19.15
CA PHE A 568 -13.80 -20.82 17.94
C PHE A 568 -14.32 -19.87 16.85
N PHE A 569 -15.63 -19.95 16.58
CA PHE A 569 -16.27 -19.11 15.59
C PHE A 569 -16.37 -17.67 16.08
N SER A 570 -16.26 -16.72 15.14
CA SER A 570 -16.36 -15.31 15.48
C SER A 570 -17.83 -14.94 15.45
N VAL A 571 -18.14 -13.69 15.75
CA VAL A 571 -19.51 -13.22 15.75
C VAL A 571 -19.50 -11.82 15.22
N GLU A 572 -20.46 -11.49 14.37
CA GLU A 572 -20.49 -10.14 13.83
C GLU A 572 -21.19 -9.19 14.80
N GLY A 573 -21.21 -7.90 14.45
CA GLY A 573 -21.85 -6.92 15.32
C GLY A 573 -20.89 -6.02 16.07
N GLY A 574 -19.60 -6.19 15.85
CA GLY A 574 -18.62 -5.37 16.52
C GLY A 574 -18.52 -4.04 15.80
N GLU A 575 -17.95 -3.03 16.46
CA GLU A 575 -17.81 -1.73 15.85
C GLU A 575 -16.51 -1.01 16.23
N ILE A 576 -15.93 -0.30 15.26
CA ILE A 576 -14.69 0.44 15.50
C ILE A 576 -14.84 1.85 14.95
N ARG A 577 -14.36 2.83 15.73
CA ARG A 577 -14.42 4.23 15.32
C ARG A 577 -13.05 4.86 15.22
N ALA A 578 -12.86 5.62 14.15
CA ALA A 578 -11.63 6.32 13.93
C ALA A 578 -11.95 7.78 13.61
N ARG A 579 -11.61 8.66 14.54
CA ARG A 579 -11.84 10.06 14.31
C ARG A 579 -10.48 10.72 14.42
N GLY A 580 -10.16 11.58 13.47
CA GLY A 580 -8.86 12.22 13.53
C GLY A 580 -8.71 13.45 12.66
N VAL A 581 -7.53 14.05 12.73
CA VAL A 581 -7.22 15.25 11.97
C VAL A 581 -6.00 15.00 11.09
N GLU A 582 -6.06 15.52 9.87
CA GLU A 582 -4.96 15.34 8.95
C GLU A 582 -4.64 16.66 8.25
N ILE A 583 -3.38 17.05 8.26
CA ILE A 583 -3.01 18.27 7.57
C ILE A 583 -1.82 17.94 6.69
N GLU A 584 -1.91 18.34 5.43
CA GLU A 584 -0.86 18.07 4.48
C GLU A 584 -0.50 19.34 3.72
N ALA A 585 0.74 19.40 3.28
CA ALA A 585 1.21 20.55 2.53
C ALA A 585 2.42 20.22 1.68
N LYS A 586 2.32 20.51 0.39
CA LYS A 586 3.40 20.28 -0.57
C LYS A 586 3.50 21.61 -1.32
N ALA A 587 4.70 22.08 -1.61
CA ALA A 587 4.81 23.35 -2.31
C ALA A 587 6.08 23.56 -3.11
N ALA A 588 6.13 24.74 -3.73
CA ALA A 588 7.27 25.16 -4.53
C ALA A 588 7.52 26.61 -4.13
N LEU A 589 7.96 26.79 -2.88
CA LEU A 589 8.23 28.11 -2.33
C LEU A 589 9.30 28.87 -3.11
N SER A 590 9.86 28.23 -4.13
CA SER A 590 10.90 28.85 -4.94
C SER A 590 11.29 27.94 -6.10
N ALA A 591 12.12 28.45 -7.00
CA ALA A 591 12.57 27.67 -8.13
C ALA A 591 13.69 26.76 -7.60
N SER A 592 13.99 26.91 -6.31
CA SER A 592 15.02 26.12 -5.64
C SER A 592 14.54 25.58 -4.29
N VAL A 593 13.29 25.88 -3.95
CA VAL A 593 12.71 25.43 -2.67
C VAL A 593 11.44 24.59 -2.85
N ASN A 594 11.44 23.41 -2.24
CA ASN A 594 10.32 22.47 -2.27
C ASN A 594 10.04 21.99 -0.85
N VAL A 595 8.78 21.94 -0.47
CA VAL A 595 8.46 21.45 0.87
C VAL A 595 7.24 20.55 0.96
N VAL A 596 7.41 19.46 1.69
CA VAL A 596 6.36 18.48 1.90
C VAL A 596 6.23 18.31 3.41
N GLY A 597 5.00 18.40 3.91
CA GLY A 597 4.79 18.26 5.35
C GLY A 597 3.38 17.84 5.67
N SER A 598 3.22 17.14 6.78
CA SER A 598 1.90 16.69 7.18
C SER A 598 1.87 16.24 8.62
N TYR A 599 0.69 16.37 9.22
CA TYR A 599 0.49 15.93 10.58
C TYR A 599 -0.76 15.06 10.58
N THR A 600 -0.71 13.99 11.36
CA THR A 600 -1.84 13.06 11.45
C THR A 600 -2.20 12.71 12.87
N TYR A 601 -3.43 13.01 13.24
CA TYR A 601 -3.92 12.70 14.57
C TYR A 601 -4.98 11.61 14.38
N THR A 602 -4.77 10.46 15.01
CA THR A 602 -5.70 9.36 14.82
C THR A 602 -6.27 8.74 16.09
N ASP A 603 -7.58 8.86 16.27
CA ASP A 603 -8.25 8.26 17.44
C ASP A 603 -9.05 7.06 16.93
N ALA A 604 -8.44 5.89 17.03
CA ALA A 604 -9.07 4.64 16.60
C ALA A 604 -9.44 3.87 17.85
N GLU A 605 -10.72 3.55 18.01
CA GLU A 605 -11.14 2.83 19.20
C GLU A 605 -12.24 1.83 19.00
N TYR A 606 -12.08 0.68 19.64
CA TYR A 606 -13.08 -0.37 19.58
C TYR A 606 -14.30 0.12 20.35
N THR A 607 -15.36 0.43 19.61
CA THR A 607 -16.62 0.91 20.19
C THR A 607 -17.42 -0.24 20.76
N THR A 608 -17.46 -1.34 20.01
CA THR A 608 -18.19 -2.53 20.40
C THR A 608 -17.35 -3.74 20.06
N ASP A 609 -17.02 -4.53 21.07
CA ASP A 609 -16.21 -5.72 20.84
C ASP A 609 -16.20 -6.62 22.07
N THR A 610 -16.48 -7.90 21.84
CA THR A 610 -16.53 -8.90 22.89
C THR A 610 -15.34 -8.81 23.83
N THR A 611 -14.17 -9.10 23.28
CA THR A 611 -12.92 -9.11 24.04
C THR A 611 -12.33 -7.72 24.25
N TYR A 612 -12.04 -7.03 23.15
CA TYR A 612 -11.45 -5.71 23.24
C TYR A 612 -12.59 -4.69 23.30
N LYS A 613 -12.23 -3.44 23.55
CA LYS A 613 -13.19 -2.35 23.63
C LYS A 613 -12.47 -1.23 24.32
N GLY A 614 -12.61 -0.03 23.78
CA GLY A 614 -11.91 1.10 24.36
C GLY A 614 -10.46 0.96 23.91
N ASN A 615 -10.07 -0.29 23.63
CA ASN A 615 -8.73 -0.60 23.15
C ASN A 615 -8.60 -0.03 21.76
N THR A 616 -7.38 0.26 21.36
CA THR A 616 -7.14 0.77 20.02
C THR A 616 -6.47 -0.36 19.23
N PRO A 617 -6.88 -0.57 17.97
CA PRO A 617 -6.28 -1.64 17.18
C PRO A 617 -4.76 -1.51 17.08
N ALA A 618 -4.09 -2.65 17.04
CA ALA A 618 -2.64 -2.67 16.99
C ALA A 618 -2.13 -1.98 15.75
N GLN A 619 -0.83 -1.76 15.73
CA GLN A 619 -0.14 -1.15 14.61
C GLN A 619 -0.60 0.23 14.15
N VAL A 620 -1.47 0.89 14.90
CA VAL A 620 -1.90 2.24 14.49
C VAL A 620 -1.54 3.29 15.52
N PRO A 621 -0.58 4.17 15.19
CA PRO A 621 -0.13 5.23 16.09
C PRO A 621 -1.18 6.31 16.20
N LYS A 622 -1.16 7.04 17.31
CA LYS A 622 -2.11 8.13 17.53
C LYS A 622 -1.64 9.38 16.80
N HIS A 623 -0.34 9.65 16.89
CA HIS A 623 0.25 10.82 16.26
C HIS A 623 1.21 10.45 15.15
N MET A 624 1.19 11.22 14.08
CA MET A 624 2.09 11.00 12.97
C MET A 624 2.35 12.34 12.34
N ALA A 625 3.58 12.56 11.91
CA ALA A 625 3.92 13.82 11.29
C ALA A 625 5.17 13.62 10.49
N SER A 626 5.32 14.41 9.44
CA SER A 626 6.50 14.33 8.60
C SER A 626 6.68 15.68 7.96
N LEU A 627 7.94 16.01 7.73
CA LEU A 627 8.27 17.29 7.13
C LEU A 627 9.47 17.03 6.27
N TRP A 628 9.49 17.65 5.09
CA TRP A 628 10.61 17.51 4.18
C TRP A 628 10.74 18.74 3.32
N ALA A 629 11.97 19.00 2.90
CA ALA A 629 12.27 20.15 2.05
C ALA A 629 13.62 19.91 1.38
N ASP A 630 13.83 20.61 0.28
CA ASP A 630 15.05 20.50 -0.49
C ASP A 630 15.38 21.84 -1.09
N TYR A 631 16.68 22.15 -1.18
CA TYR A 631 17.12 23.40 -1.76
C TYR A 631 17.90 23.07 -3.01
N THR A 632 17.84 23.94 -3.99
CA THR A 632 18.56 23.72 -5.23
C THR A 632 19.34 24.96 -5.61
N PHE A 633 20.46 24.76 -6.28
CA PHE A 633 21.31 25.88 -6.68
C PHE A 633 21.39 26.07 -8.18
N PHE A 634 21.49 27.34 -8.57
CA PHE A 634 21.62 27.76 -9.96
C PHE A 634 22.63 28.91 -9.92
N ASP A 635 23.05 29.24 -8.70
CA ASP A 635 23.98 30.33 -8.43
C ASP A 635 25.46 29.98 -8.55
N GLY A 636 26.16 30.23 -7.44
CA GLY A 636 27.59 29.99 -7.36
C GLY A 636 28.10 28.67 -7.87
N PRO A 637 29.24 28.21 -7.32
CA PRO A 637 29.90 26.95 -7.69
C PRO A 637 29.02 25.72 -7.46
N LEU A 638 27.94 25.91 -6.70
CA LEU A 638 27.03 24.82 -6.40
C LEU A 638 25.85 24.76 -7.34
N SER A 639 26.00 25.34 -8.53
CA SER A 639 24.94 25.34 -9.53
C SER A 639 24.60 23.89 -9.88
N GLY A 640 23.31 23.56 -9.80
CA GLY A 640 22.86 22.21 -10.12
C GLY A 640 22.82 21.30 -8.91
N LEU A 641 23.15 21.86 -7.74
CA LEU A 641 23.15 21.10 -6.51
C LEU A 641 21.80 21.19 -5.82
N THR A 642 21.30 20.04 -5.39
CA THR A 642 20.04 19.99 -4.68
C THR A 642 20.29 19.28 -3.35
N LEU A 643 19.99 19.96 -2.26
CA LEU A 643 20.19 19.38 -0.94
C LEU A 643 18.84 19.34 -0.24
N GLY A 644 18.44 18.14 0.16
CA GLY A 644 17.17 18.01 0.85
C GLY A 644 17.23 17.02 1.99
N THR A 645 16.50 17.34 3.05
CA THR A 645 16.46 16.47 4.20
C THR A 645 15.07 16.51 4.77
N GLY A 646 14.78 15.59 5.67
CA GLY A 646 13.47 15.55 6.27
C GLY A 646 13.37 14.47 7.33
N GLY A 647 12.21 14.43 7.97
CA GLY A 647 12.00 13.45 9.02
C GLY A 647 10.57 13.00 9.06
N ARG A 648 10.39 11.77 9.53
CA ARG A 648 9.08 11.19 9.65
C ARG A 648 8.83 10.80 11.11
N TYR A 649 7.70 11.23 11.66
CA TYR A 649 7.36 10.91 13.04
C TYR A 649 6.25 9.89 13.14
N THR A 650 6.51 8.88 13.96
CA THR A 650 5.54 7.81 14.21
C THR A 650 5.41 7.70 15.72
N GLY A 651 4.25 8.10 16.23
CA GLY A 651 4.00 8.04 17.65
C GLY A 651 3.98 6.62 18.16
N SER A 652 3.76 6.45 19.46
CA SER A 652 3.72 5.12 20.02
C SER A 652 2.46 4.46 19.49
N SER A 653 2.43 3.14 19.57
CA SER A 653 1.30 2.34 19.13
C SER A 653 1.20 1.07 19.95
N TYR A 654 0.05 0.42 19.88
CA TYR A 654 -0.16 -0.82 20.62
C TYR A 654 0.33 -1.99 19.81
N GLY A 655 0.92 -2.98 20.48
CA GLY A 655 1.45 -4.14 19.80
C GLY A 655 0.57 -5.37 19.77
N ASP A 656 -0.71 -5.22 20.10
CA ASP A 656 -1.64 -6.34 20.08
C ASP A 656 -3.07 -5.89 20.36
N PRO A 657 -4.06 -6.72 20.01
CA PRO A 657 -5.46 -6.36 20.25
C PRO A 657 -5.72 -6.08 21.73
N ALA A 658 -5.09 -6.87 22.58
CA ALA A 658 -5.24 -6.73 24.03
C ALA A 658 -4.60 -5.46 24.58
N ASN A 659 -3.91 -4.72 23.71
CA ASN A 659 -3.21 -3.50 24.16
C ASN A 659 -2.30 -3.88 25.33
N SER A 660 -1.89 -5.14 25.36
CA SER A 660 -1.02 -5.68 26.39
C SER A 660 0.20 -4.80 26.60
N PHE A 661 1.00 -4.63 25.54
CA PHE A 661 2.20 -3.82 25.64
C PHE A 661 2.10 -2.70 24.59
N LYS A 662 3.16 -1.92 24.47
CA LYS A 662 3.18 -0.83 23.49
C LYS A 662 4.52 -0.70 22.76
N VAL A 663 4.44 -0.34 21.48
CA VAL A 663 5.64 -0.16 20.70
C VAL A 663 5.97 1.31 20.85
N GLY A 664 7.22 1.60 21.13
CA GLY A 664 7.63 2.98 21.31
C GLY A 664 7.64 3.82 20.06
N SER A 665 7.47 5.13 20.25
CA SER A 665 7.48 6.06 19.14
C SER A 665 8.91 6.11 18.60
N TYR A 666 9.07 6.73 17.43
CA TYR A 666 10.38 6.83 16.81
C TYR A 666 10.42 7.96 15.80
N THR A 667 11.63 8.42 15.49
CA THR A 667 11.81 9.50 14.54
C THR A 667 12.99 9.23 13.64
N VAL A 668 12.69 9.06 12.36
CA VAL A 668 13.70 8.76 11.37
C VAL A 668 13.92 9.94 10.46
N VAL A 669 15.16 10.14 10.07
CA VAL A 669 15.54 11.24 9.20
C VAL A 669 16.03 10.75 7.84
N ASP A 670 15.64 11.47 6.79
CA ASP A 670 16.07 11.15 5.44
C ASP A 670 16.85 12.33 4.89
N ALA A 671 17.83 12.05 4.06
CA ALA A 671 18.64 13.11 3.46
C ALA A 671 18.75 12.90 1.96
N LEU A 672 19.14 13.96 1.25
CA LEU A 672 19.29 13.91 -0.20
C LEU A 672 20.27 14.92 -0.77
N VAL A 673 21.20 14.44 -1.57
CA VAL A 673 22.17 15.29 -2.24
C VAL A 673 22.06 14.94 -3.72
N ARG A 674 21.55 15.88 -4.50
CA ARG A 674 21.34 15.66 -5.94
C ARG A 674 22.17 16.63 -6.76
N TYR A 675 22.86 16.13 -7.79
CA TYR A 675 23.67 17.00 -8.64
C TYR A 675 23.39 16.87 -10.13
N ASP A 676 22.99 18.00 -10.73
CA ASP A 676 22.68 18.07 -12.16
C ASP A 676 23.96 17.83 -12.98
N LEU A 677 23.89 16.93 -13.96
CA LEU A 677 25.05 16.62 -14.78
C LEU A 677 25.23 17.51 -16.02
N ALA A 678 24.49 18.61 -16.07
CA ALA A 678 24.58 19.54 -17.20
C ALA A 678 26.03 19.96 -17.41
N ARG A 679 26.72 20.21 -16.29
CA ARG A 679 28.12 20.62 -16.32
C ARG A 679 29.07 19.55 -16.87
N VAL A 680 28.52 18.60 -17.61
CA VAL A 680 29.34 17.56 -18.21
C VAL A 680 28.70 17.29 -19.57
N GLY A 681 27.90 18.26 -20.01
CA GLY A 681 27.22 18.15 -21.29
C GLY A 681 26.04 17.22 -21.24
N MET A 682 25.70 16.79 -20.03
CA MET A 682 24.57 15.88 -19.87
C MET A 682 23.45 16.54 -19.10
N ALA A 683 22.95 17.65 -19.62
CA ALA A 683 21.84 18.33 -18.97
C ALA A 683 20.70 17.33 -18.94
N GLY A 684 19.83 17.46 -17.94
CA GLY A 684 18.71 16.54 -17.83
C GLY A 684 19.04 15.36 -16.93
N SER A 685 20.22 14.78 -17.12
CA SER A 685 20.67 13.65 -16.32
C SER A 685 21.17 14.15 -14.97
N ASN A 686 21.52 13.22 -14.09
CA ASN A 686 22.00 13.60 -12.77
C ASN A 686 22.35 12.40 -11.90
N VAL A 687 23.18 12.65 -10.90
CA VAL A 687 23.59 11.63 -9.96
C VAL A 687 23.18 12.10 -8.58
N ALA A 688 22.67 11.18 -7.77
CA ALA A 688 22.22 11.54 -6.42
C ALA A 688 22.49 10.45 -5.39
N LEU A 689 22.60 10.88 -4.14
CA LEU A 689 22.84 9.97 -3.04
C LEU A 689 21.69 10.10 -2.06
N HIS A 690 21.08 8.96 -1.72
CA HIS A 690 19.95 8.95 -0.82
C HIS A 690 20.26 8.14 0.44
N VAL A 691 19.80 8.65 1.57
CA VAL A 691 20.01 7.97 2.84
C VAL A 691 18.72 7.99 3.65
N ASN A 692 18.28 6.81 4.06
CA ASN A 692 17.07 6.68 4.87
C ASN A 692 17.47 6.23 6.26
N ASN A 693 16.89 6.87 7.27
CA ASN A 693 17.20 6.55 8.66
C ASN A 693 18.67 6.91 8.86
N LEU A 694 18.99 8.14 8.51
CA LEU A 694 20.35 8.68 8.60
C LEU A 694 21.07 8.31 9.89
N PHE A 695 20.40 8.59 11.01
CA PHE A 695 20.95 8.29 12.33
C PHE A 695 20.76 6.82 12.65
N ASP A 696 20.94 5.95 11.66
CA ASP A 696 20.76 4.51 11.81
C ASP A 696 20.06 4.17 13.12
N ARG A 697 18.84 4.66 13.27
CA ARG A 697 18.10 4.38 14.49
C ARG A 697 17.59 2.97 14.53
N GLU A 698 17.57 2.38 15.72
CA GLU A 698 17.07 1.03 15.87
C GLU A 698 15.69 1.12 16.49
N TYR A 699 14.68 0.70 15.76
CA TYR A 699 13.32 0.76 16.31
C TYR A 699 12.51 -0.41 15.89
N VAL A 700 11.40 -0.60 16.59
CA VAL A 700 10.47 -1.66 16.27
C VAL A 700 9.38 -0.92 15.56
N ALA A 701 9.14 -1.25 14.30
CA ALA A 701 8.11 -0.58 13.51
C ALA A 701 6.76 -0.75 14.16
N SER A 702 6.44 -2.00 14.51
CA SER A 702 5.18 -2.30 15.13
C SER A 702 5.06 -3.77 15.42
N CYS A 703 4.00 -4.13 16.12
CA CYS A 703 3.72 -5.52 16.44
C CYS A 703 2.24 -5.67 16.20
N PHE A 704 1.82 -6.76 15.57
CA PHE A 704 0.40 -6.95 15.35
C PHE A 704 -0.09 -7.84 16.49
N ASN A 705 0.89 -8.29 17.28
CA ASN A 705 0.67 -9.12 18.45
C ASN A 705 2.00 -9.40 19.15
N THR A 706 1.93 -9.93 20.38
CA THR A 706 3.14 -10.21 21.18
C THR A 706 4.21 -11.06 20.52
N TYR A 707 3.82 -11.82 19.51
CA TYR A 707 4.76 -12.68 18.83
C TYR A 707 4.97 -12.20 17.40
N GLY A 708 4.38 -11.06 17.07
CA GLY A 708 4.51 -10.53 15.72
C GLY A 708 4.99 -9.10 15.68
N CYS A 709 6.30 -8.93 15.90
CA CYS A 709 6.89 -7.60 15.89
C CYS A 709 7.84 -7.51 14.73
N PHE A 710 8.09 -6.29 14.28
CA PHE A 710 8.96 -6.07 13.13
C PHE A 710 9.96 -4.96 13.33
N TRP A 711 11.23 -5.31 13.25
CA TRP A 711 12.29 -4.33 13.40
C TRP A 711 12.11 -3.35 12.28
N GLY A 712 12.33 -2.07 12.59
CA GLY A 712 12.23 -1.05 11.56
C GLY A 712 13.41 -1.26 10.64
N ALA A 713 13.56 -0.40 9.64
CA ALA A 713 14.67 -0.54 8.70
C ALA A 713 15.93 0.20 9.15
N GLU A 714 17.05 -0.53 9.15
CA GLU A 714 18.32 0.05 9.53
C GLU A 714 18.71 1.03 8.43
N ARG A 715 19.44 2.08 8.78
CA ARG A 715 19.86 3.08 7.79
C ARG A 715 20.32 2.45 6.49
N GLN A 716 19.75 2.89 5.38
CA GLN A 716 20.14 2.40 4.06
C GLN A 716 20.66 3.59 3.24
N VAL A 717 21.62 3.29 2.37
CA VAL A 717 22.24 4.30 1.52
C VAL A 717 22.24 3.88 0.07
N VAL A 718 21.71 4.74 -0.79
CA VAL A 718 21.64 4.44 -2.20
C VAL A 718 22.22 5.55 -3.07
N ALA A 719 23.01 5.12 -4.05
CA ALA A 719 23.64 6.01 -5.01
C ALA A 719 22.93 5.72 -6.33
N THR A 720 22.43 6.76 -6.98
CA THR A 720 21.71 6.57 -8.23
C THR A 720 22.18 7.45 -9.38
N ALA A 721 22.35 6.83 -10.54
CA ALA A 721 22.75 7.53 -11.75
C ALA A 721 21.62 7.35 -12.76
N THR A 722 20.87 8.43 -12.97
CA THR A 722 19.74 8.42 -13.90
C THR A 722 20.06 9.33 -15.10
N PHE A 723 20.29 8.72 -16.26
CA PHE A 723 20.64 9.45 -17.49
C PHE A 723 19.53 9.66 -18.51
N ARG A 724 19.55 10.83 -19.14
CA ARG A 724 18.57 11.20 -20.16
C ARG A 724 19.24 11.45 -21.51
N PHE A 725 18.96 10.59 -22.47
CA PHE A 725 19.53 10.73 -23.81
C PHE A 725 18.52 11.40 -24.74
#